data_5K82
#
_entry.id   5K82
#
_cell.length_a   152.395
_cell.length_b   152.395
_cell.length_c   79.778
_cell.angle_alpha   90.00
_cell.angle_beta   90.00
_cell.angle_gamma   120.00
#
_symmetry.space_group_name_H-M   'P 32'
#
loop_
_entity.id
_entity.type
_entity.pdbx_description
1 polymer 'Apolipoprotein B mRNA editing enzyme, catalytic peptide-like 3G,Apolipoprotein B mRNA editing enzyme, catalytic peptide-like 3G'
2 non-polymer 'ZINC ION'
#
_entity_poly.entity_id   1
_entity_poly.type   'polypeptide(L)'
_entity_poly.pdbx_seq_one_letter_code
;GPAGSMKPQIRNMVEPMDPRTFVSNFNNRPILSGLDTVWLCCEVKTKDPSGPPLDAKIFQGKVYPKAKYHPEMRFLRWFH
KWRQLHHDQEYKVTWYVSWSPCTRCANSVATFLAKDPKVTLTIFVARLYYFWKPDYQQALRILAEAGATMKIMNYNEFQD
CWNKFVDGRGKPFKPWNNLPKHYTLLQATLGELLRH
;
_entity_poly.pdbx_strand_id   A,B,C,D
#
# COMPACT_ATOMS: atom_id res chain seq x y z
N GLN A 9 -6.82 0.54 0.65
CA GLN A 9 -7.69 1.50 -0.01
C GLN A 9 -6.99 2.86 0.10
N ILE A 10 -7.18 3.75 -0.88
CA ILE A 10 -6.41 5.01 -0.96
C ILE A 10 -7.15 6.30 -0.54
N ARG A 11 -8.45 6.21 -0.25
CA ARG A 11 -9.22 7.35 0.25
C ARG A 11 -8.55 7.80 1.59
N ASN A 12 -7.80 6.88 2.20
CA ASN A 12 -6.99 7.09 3.42
C ASN A 12 -5.54 7.63 3.23
N MET A 13 -4.91 7.33 2.08
CA MET A 13 -3.52 7.78 1.80
C MET A 13 -3.41 9.27 1.48
N VAL A 14 -4.51 9.87 1.05
CA VAL A 14 -4.50 11.27 0.67
C VAL A 14 -5.36 12.17 1.55
N GLU A 15 -5.31 13.44 1.20
CA GLU A 15 -6.07 14.50 1.80
C GLU A 15 -7.25 14.86 0.87
N PRO A 16 -8.34 14.07 0.93
CA PRO A 16 -9.41 14.08 -0.10
C PRO A 16 -9.94 15.47 -0.42
N MET A 17 -10.19 15.76 -1.70
CA MET A 17 -10.66 17.09 -2.09
C MET A 17 -12.18 17.16 -1.94
N ASP A 18 -12.70 18.39 -1.92
CA ASP A 18 -14.11 18.67 -1.66
C ASP A 18 -14.97 18.26 -2.88
N PRO A 19 -16.18 17.72 -2.64
CA PRO A 19 -17.11 17.41 -3.75
C PRO A 19 -17.45 18.58 -4.69
N ARG A 20 -17.74 19.76 -4.14
CA ARG A 20 -18.10 20.92 -4.94
C ARG A 20 -16.89 21.39 -5.77
N THR A 21 -15.69 21.09 -5.29
CA THR A 21 -14.46 21.37 -6.04
C THR A 21 -14.25 20.43 -7.24
N PHE A 22 -14.55 19.15 -7.05
CA PHE A 22 -14.36 18.16 -8.11
C PHE A 22 -15.32 18.38 -9.28
N VAL A 23 -16.62 18.48 -9.02
CA VAL A 23 -17.55 18.75 -10.12
C VAL A 23 -17.17 20.07 -10.80
N SER A 24 -16.58 20.99 -10.05
CA SER A 24 -16.20 22.27 -10.62
C SER A 24 -14.99 22.16 -11.53
N ASN A 25 -13.89 21.61 -11.03
CA ASN A 25 -12.65 21.56 -11.81
C ASN A 25 -12.48 20.35 -12.72
N PHE A 26 -13.41 19.40 -12.70
CA PHE A 26 -13.31 18.23 -13.57
C PHE A 26 -14.46 18.10 -14.57
N ASN A 27 -15.34 19.11 -14.58
CA ASN A 27 -16.39 19.27 -15.57
C ASN A 27 -15.80 19.31 -16.99
N ASN A 28 -16.32 18.50 -17.91
CA ASN A 28 -15.62 18.33 -19.19
C ASN A 28 -16.27 19.04 -20.42
N ARG A 29 -16.98 20.15 -20.19
CA ARG A 29 -17.32 21.08 -21.26
C ARG A 29 -16.00 21.55 -21.88
N PRO A 30 -15.73 21.20 -23.15
CA PRO A 30 -14.36 21.32 -23.72
C PRO A 30 -13.81 22.74 -23.61
N ILE A 31 -14.71 23.71 -23.75
CA ILE A 31 -14.37 25.12 -23.59
C ILE A 31 -14.75 25.65 -22.21
N LEU A 32 -13.72 25.97 -21.45
CA LEU A 32 -13.90 26.59 -20.14
C LEU A 32 -12.74 27.49 -19.77
N SER A 33 -13.08 28.69 -19.29
CA SER A 33 -12.15 29.48 -18.47
C SER A 33 -13.01 30.38 -17.59
N GLY A 34 -12.97 30.05 -16.31
CA GLY A 34 -13.57 30.76 -15.20
C GLY A 34 -12.91 29.90 -14.14
N LEU A 35 -11.98 29.10 -14.65
CA LEU A 35 -11.24 28.10 -13.91
C LEU A 35 -9.73 28.42 -13.83
N ASP A 36 -9.34 28.94 -12.67
CA ASP A 36 -7.98 29.42 -12.40
C ASP A 36 -6.93 28.36 -12.05
N THR A 37 -7.39 27.18 -11.66
CA THR A 37 -6.49 26.15 -11.16
C THR A 37 -6.54 24.79 -11.87
N VAL A 38 -5.43 24.06 -11.79
CA VAL A 38 -5.29 22.72 -12.35
C VAL A 38 -5.08 21.67 -11.24
N TRP A 39 -5.90 20.61 -11.22
CA TRP A 39 -5.79 19.58 -10.19
C TRP A 39 -5.25 18.24 -10.70
N LEU A 40 -4.16 17.74 -10.12
CA LEU A 40 -3.60 16.46 -10.56
C LEU A 40 -3.77 15.38 -9.47
N CYS A 41 -4.49 14.32 -9.78
CA CYS A 41 -4.68 13.21 -8.87
C CYS A 41 -3.80 12.03 -9.20
N CYS A 42 -2.75 11.82 -8.42
CA CYS A 42 -1.77 10.82 -8.78
C CYS A 42 -1.98 9.45 -8.09
N GLU A 43 -1.36 8.42 -8.65
CA GLU A 43 -1.42 7.03 -8.15
C GLU A 43 -0.28 6.16 -8.68
N VAL A 44 0.61 5.73 -7.77
CA VAL A 44 1.74 4.88 -8.16
C VAL A 44 1.43 3.40 -7.89
N LYS A 45 1.83 2.51 -8.79
CA LYS A 45 1.59 1.08 -8.64
C LYS A 45 2.76 0.27 -9.17
N THR A 46 2.71 -1.03 -8.91
CA THR A 46 3.76 -1.95 -9.34
C THR A 46 3.54 -2.42 -10.76
N LYS A 47 4.48 -3.23 -11.25
CA LYS A 47 4.39 -3.86 -12.57
C LYS A 47 2.98 -4.44 -12.78
N ASP A 48 2.41 -5.03 -11.72
CA ASP A 48 1.10 -5.65 -11.79
C ASP A 48 -0.01 -4.74 -11.22
N PRO A 49 -0.97 -4.32 -12.08
CA PRO A 49 -2.04 -3.36 -11.77
C PRO A 49 -3.19 -3.97 -10.96
N SER A 50 -3.07 -5.26 -10.70
CA SER A 50 -4.09 -6.01 -9.98
C SER A 50 -3.69 -6.00 -8.52
N GLY A 51 -2.47 -5.54 -8.27
CA GLY A 51 -2.05 -5.29 -6.92
C GLY A 51 -2.63 -3.97 -6.47
N PRO A 52 -2.46 -3.66 -5.18
CA PRO A 52 -2.94 -2.42 -4.59
C PRO A 52 -2.02 -1.26 -4.99
N PRO A 53 -2.55 -0.06 -4.91
CA PRO A 53 -1.82 1.20 -5.08
C PRO A 53 -0.82 1.51 -3.95
N LEU A 54 0.48 1.66 -4.30
CA LEU A 54 1.59 1.86 -3.34
C LEU A 54 1.55 3.20 -2.59
N ASP A 55 1.18 4.25 -3.31
CA ASP A 55 1.01 5.57 -2.71
C ASP A 55 0.12 6.42 -3.65
N ALA A 56 -0.39 7.53 -3.16
CA ALA A 56 -1.28 8.35 -3.97
C ALA A 56 -1.28 9.77 -3.46
N LYS A 57 -1.40 10.76 -4.34
CA LYS A 57 -1.49 12.12 -3.83
C LYS A 57 -2.18 13.09 -4.75
N ILE A 58 -2.71 14.14 -4.14
CA ILE A 58 -3.35 15.22 -4.86
C ILE A 58 -2.50 16.50 -4.86
N PHE A 59 -2.09 16.89 -6.07
CA PHE A 59 -1.37 18.12 -6.30
C PHE A 59 -2.28 19.25 -6.83
N GLN A 60 -1.79 20.47 -6.68
CA GLN A 60 -2.49 21.65 -7.13
C GLN A 60 -1.48 22.70 -7.59
N GLY A 61 -1.86 23.48 -8.59
CA GLY A 61 -1.02 24.56 -9.08
C GLY A 61 -1.91 25.49 -9.86
N LYS A 62 -1.51 26.75 -9.92
CA LYS A 62 -2.32 27.73 -10.61
C LYS A 62 -1.80 27.73 -12.05
N VAL A 63 -2.66 28.08 -12.99
CA VAL A 63 -2.38 27.83 -14.40
C VAL A 63 -1.33 28.78 -15.04
N TYR A 64 -1.29 30.03 -14.58
CA TYR A 64 -0.27 31.01 -15.00
C TYR A 64 1.17 30.56 -14.63
N PRO A 65 2.14 30.80 -15.55
CA PRO A 65 3.59 30.58 -15.34
C PRO A 65 4.16 31.31 -14.10
N LYS A 66 5.33 30.94 -13.57
CA LYS A 66 6.27 29.94 -14.13
C LYS A 66 5.69 28.54 -13.92
N ALA A 67 6.11 27.59 -14.76
CA ALA A 67 5.59 26.23 -14.69
C ALA A 67 6.06 25.49 -13.44
N LYS A 68 6.99 26.08 -12.68
CA LYS A 68 7.51 25.44 -11.46
C LYS A 68 6.43 25.25 -10.38
N TYR A 69 5.33 26.00 -10.47
CA TYR A 69 4.22 25.83 -9.53
C TYR A 69 3.00 25.15 -10.18
N HIS A 70 3.25 24.39 -11.26
CA HIS A 70 2.19 23.58 -11.90
C HIS A 70 2.12 22.18 -11.27
N PRO A 71 0.88 21.66 -11.12
CA PRO A 71 0.68 20.39 -10.44
C PRO A 71 1.42 19.21 -11.07
N GLU A 72 1.78 19.27 -12.34
CA GLU A 72 2.63 18.20 -12.87
C GLU A 72 4.11 18.41 -12.53
N MET A 73 4.46 19.61 -12.05
CA MET A 73 5.85 19.86 -11.67
C MET A 73 6.14 19.57 -10.20
N ARG A 74 5.14 19.82 -9.37
CA ARG A 74 5.24 19.50 -7.96
C ARG A 74 5.38 17.99 -7.84
N PHE A 75 4.72 17.28 -8.74
CA PHE A 75 4.84 15.83 -8.79
C PHE A 75 6.25 15.45 -9.08
N LEU A 76 6.84 16.01 -10.14
CA LEU A 76 8.17 15.54 -10.55
C LEU A 76 9.23 15.65 -9.45
N ARG A 77 9.11 16.68 -8.61
CA ARG A 77 10.01 16.88 -7.47
C ARG A 77 9.69 15.90 -6.34
N TRP A 78 8.40 15.80 -6.02
CA TRP A 78 7.90 14.86 -5.02
C TRP A 78 8.21 13.42 -5.36
N PHE A 79 7.99 13.02 -6.59
CA PHE A 79 8.25 11.65 -6.96
C PHE A 79 9.73 11.37 -6.96
N HIS A 80 10.58 12.36 -7.17
CA HIS A 80 12.03 12.09 -7.13
C HIS A 80 12.44 11.73 -5.69
N LYS A 81 11.94 12.50 -4.72
CA LYS A 81 12.18 12.27 -3.30
C LYS A 81 11.64 10.92 -2.79
N TRP A 82 10.50 10.52 -3.32
CA TRP A 82 9.79 9.29 -2.93
C TRP A 82 10.46 8.01 -3.49
N ARG A 83 11.14 8.14 -4.63
CA ARG A 83 11.76 7.03 -5.38
C ARG A 83 12.91 6.41 -4.63
N GLN A 84 13.52 7.28 -3.84
CA GLN A 84 14.69 7.00 -3.01
C GLN A 84 14.34 6.11 -1.83
N LEU A 85 13.15 6.33 -1.27
CA LEU A 85 12.68 5.60 -0.13
C LEU A 85 12.30 4.14 -0.42
N HIS A 86 12.20 3.78 -1.70
CA HIS A 86 11.83 2.40 -2.08
C HIS A 86 12.90 1.74 -2.94
N HIS A 87 12.80 0.41 -3.06
CA HIS A 87 13.71 -0.37 -3.90
C HIS A 87 13.40 -0.19 -5.39
N ASP A 88 14.43 -0.28 -6.23
CA ASP A 88 14.22 -0.15 -7.66
C ASP A 88 13.39 -1.28 -8.28
N GLN A 89 12.24 -0.90 -8.83
CA GLN A 89 11.45 -1.79 -9.68
C GLN A 89 10.61 -0.89 -10.56
N GLU A 90 9.89 -1.50 -11.49
CA GLU A 90 9.05 -0.80 -12.47
C GLU A 90 7.77 -0.24 -11.85
N TYR A 91 7.56 1.07 -12.02
CA TYR A 91 6.34 1.73 -11.54
C TYR A 91 5.37 2.02 -12.71
N LYS A 92 4.08 1.93 -12.43
CA LYS A 92 3.04 2.34 -13.37
C LYS A 92 2.27 3.50 -12.76
N VAL A 93 2.64 4.71 -13.18
CA VAL A 93 1.96 5.90 -12.67
C VAL A 93 0.70 6.20 -13.50
N THR A 94 -0.34 6.78 -12.88
CA THR A 94 -1.48 7.29 -13.63
C THR A 94 -2.02 8.60 -13.03
N TRP A 95 -2.15 9.62 -13.87
CA TRP A 95 -2.71 10.91 -13.45
C TRP A 95 -4.15 10.99 -13.86
N TYR A 96 -4.94 11.65 -13.03
CA TYR A 96 -6.25 12.14 -13.44
C TYR A 96 -6.18 13.66 -13.33
N VAL A 97 -5.59 14.31 -14.34
CA VAL A 97 -5.47 15.77 -14.28
C VAL A 97 -6.61 16.48 -15.01
N SER A 98 -7.05 17.62 -14.48
CA SER A 98 -8.23 18.30 -15.01
C SER A 98 -7.96 19.02 -16.33
N TRP A 99 -6.93 19.87 -16.38
CA TRP A 99 -6.45 20.45 -17.66
C TRP A 99 -5.33 19.61 -18.26
N SER A 100 -5.21 19.58 -19.59
CA SER A 100 -4.04 18.94 -20.19
C SER A 100 -2.79 19.75 -19.77
N PRO A 101 -1.61 19.16 -19.95
CA PRO A 101 -0.31 19.84 -19.70
C PRO A 101 -0.01 21.06 -20.60
N CYS A 102 0.76 22.01 -20.07
CA CYS A 102 1.28 23.11 -20.89
C CYS A 102 2.51 22.61 -21.64
N THR A 103 3.18 23.52 -22.36
CA THR A 103 4.27 23.14 -23.26
C THR A 103 5.57 22.81 -22.55
N ARG A 104 5.87 23.54 -21.47
CA ARG A 104 7.14 23.36 -20.77
C ARG A 104 7.08 22.14 -19.82
N CYS A 105 5.90 21.88 -19.26
CA CYS A 105 5.69 20.71 -18.41
C CYS A 105 5.84 19.42 -19.19
N ALA A 106 5.33 19.46 -20.41
CA ALA A 106 5.42 18.33 -21.33
C ALA A 106 6.88 18.02 -21.69
N ASN A 107 7.73 19.04 -21.70
CA ASN A 107 9.16 18.84 -21.94
C ASN A 107 9.85 18.16 -20.74
N SER A 108 9.41 18.56 -19.55
CA SER A 108 9.96 18.02 -18.32
C SER A 108 9.65 16.53 -18.21
N VAL A 109 8.37 16.21 -18.35
CA VAL A 109 7.88 14.85 -18.24
C VAL A 109 8.45 13.95 -19.34
N ALA A 110 8.73 14.51 -20.51
CA ALA A 110 9.30 13.72 -21.62
C ALA A 110 10.75 13.37 -21.34
N THR A 111 11.52 14.37 -20.91
CA THR A 111 12.92 14.17 -20.55
C THR A 111 13.03 13.32 -19.28
N PHE A 112 12.03 13.45 -18.40
CA PHE A 112 11.96 12.63 -17.18
C PHE A 112 11.69 11.17 -17.49
N LEU A 113 10.74 10.91 -18.39
CA LEU A 113 10.39 9.53 -18.77
C LEU A 113 11.53 8.91 -19.54
N ALA A 114 12.36 9.77 -20.12
CA ALA A 114 13.53 9.41 -20.90
C ALA A 114 14.68 8.87 -20.04
N LYS A 115 14.98 9.55 -18.92
CA LYS A 115 16.05 9.09 -18.01
C LYS A 115 15.72 7.71 -17.42
N ASP A 116 14.46 7.48 -17.08
CA ASP A 116 14.08 6.26 -16.37
C ASP A 116 13.09 5.36 -17.13
N PRO A 117 13.61 4.36 -17.88
CA PRO A 117 12.75 3.46 -18.66
C PRO A 117 11.88 2.54 -17.77
N LYS A 118 12.11 2.57 -16.48
CA LYS A 118 11.36 1.75 -15.52
C LYS A 118 9.96 2.33 -15.25
N VAL A 119 9.81 3.66 -15.32
CA VAL A 119 8.49 4.26 -15.11
C VAL A 119 7.71 4.35 -16.43
N THR A 120 6.42 4.07 -16.36
CA THR A 120 5.53 4.30 -17.49
C THR A 120 4.25 5.02 -17.04
N LEU A 121 4.07 6.22 -17.57
CA LEU A 121 3.00 7.12 -17.13
C LEU A 121 1.75 6.89 -17.97
N THR A 122 0.59 7.22 -17.41
CA THR A 122 -0.67 7.24 -18.14
C THR A 122 -1.45 8.47 -17.70
N ILE A 123 -1.66 9.42 -18.61
CA ILE A 123 -2.31 10.66 -18.21
C ILE A 123 -3.76 10.69 -18.69
N PHE A 124 -4.68 10.89 -17.77
CA PHE A 124 -6.07 11.07 -18.14
C PHE A 124 -6.45 12.52 -17.97
N VAL A 125 -6.83 13.17 -19.06
CA VAL A 125 -7.23 14.56 -18.97
C VAL A 125 -8.75 14.63 -19.04
N ALA A 126 -9.32 15.56 -18.27
CA ALA A 126 -10.76 15.80 -18.26
C ALA A 126 -11.10 16.70 -19.42
N ARG A 127 -10.26 17.73 -19.59
CA ARG A 127 -10.24 18.63 -20.74
C ARG A 127 -8.86 18.75 -21.36
N LEU A 128 -8.85 19.08 -22.68
CA LEU A 128 -7.63 19.45 -23.38
C LEU A 128 -7.44 20.96 -23.23
N TYR A 129 -6.22 21.37 -22.92
CA TYR A 129 -5.93 22.77 -22.57
C TYR A 129 -5.41 23.51 -23.78
N TYR A 130 -6.12 24.57 -24.16
CA TYR A 130 -5.82 25.32 -25.39
C TYR A 130 -5.58 24.35 -26.56
N PHE A 131 -6.55 23.49 -26.84
CA PHE A 131 -6.39 22.47 -27.88
C PHE A 131 -6.35 23.04 -29.30
N TRP A 132 -6.64 24.33 -29.40
CA TRP A 132 -6.62 25.02 -30.69
C TRP A 132 -5.29 25.71 -31.02
N LYS A 133 -4.58 26.21 -30.01
CA LYS A 133 -3.24 26.79 -30.23
C LYS A 133 -2.26 25.69 -30.64
N PRO A 134 -1.50 25.93 -31.70
CA PRO A 134 -0.73 24.84 -32.33
C PRO A 134 0.48 24.31 -31.53
N ASP A 135 1.06 25.08 -30.61
CA ASP A 135 2.14 24.52 -29.79
C ASP A 135 1.64 23.60 -28.68
N TYR A 136 0.50 23.98 -28.11
CA TYR A 136 -0.13 23.17 -27.09
C TYR A 136 -0.58 21.85 -27.68
N GLN A 137 -0.68 21.80 -29.01
CA GLN A 137 -0.92 20.56 -29.73
C GLN A 137 0.34 19.67 -29.89
N GLN A 138 1.51 20.22 -30.20
CA GLN A 138 2.70 19.36 -30.20
C GLN A 138 3.09 19.10 -28.73
N ALA A 139 2.51 19.87 -27.81
CA ALA A 139 2.72 19.60 -26.38
C ALA A 139 2.18 18.22 -26.04
N LEU A 140 0.97 17.89 -26.47
CA LEU A 140 0.48 16.56 -26.21
C LEU A 140 1.24 15.59 -27.06
N ARG A 141 1.85 16.09 -28.12
CA ARG A 141 2.47 15.19 -29.06
C ARG A 141 3.82 14.78 -28.57
N ILE A 142 4.35 15.52 -27.62
CA ILE A 142 5.62 15.16 -27.03
C ILE A 142 5.43 13.99 -26.12
N LEU A 143 4.67 14.22 -25.05
CA LEU A 143 4.40 13.19 -24.07
C LEU A 143 4.00 11.93 -24.75
N ALA A 144 3.54 12.02 -25.97
CA ALA A 144 3.16 10.82 -26.69
C ALA A 144 4.41 10.13 -27.10
N GLU A 145 5.45 10.90 -27.36
CA GLU A 145 6.76 10.34 -27.52
C GLU A 145 7.14 10.05 -26.11
N ALA A 146 8.34 9.57 -25.89
CA ALA A 146 8.74 9.26 -24.54
C ALA A 146 7.65 8.50 -23.82
N GLY A 147 6.79 7.84 -24.58
CA GLY A 147 5.82 6.95 -23.99
C GLY A 147 4.57 7.18 -23.19
N ALA A 148 4.35 8.40 -22.76
CA ALA A 148 3.17 8.68 -21.97
C ALA A 148 1.93 8.30 -22.72
N THR A 149 1.08 7.51 -22.09
CA THR A 149 -0.20 7.16 -22.68
C THR A 149 -1.25 8.22 -22.38
N MET A 150 -1.69 8.89 -23.43
CA MET A 150 -2.65 9.98 -23.33
C MET A 150 -4.05 9.46 -23.57
N LYS A 151 -4.98 9.82 -22.68
CA LYS A 151 -6.37 9.41 -22.86
C LYS A 151 -7.34 10.46 -22.32
N ILE A 152 -8.61 10.37 -22.71
CA ILE A 152 -9.60 11.31 -22.19
C ILE A 152 -10.39 10.64 -21.07
N MET A 153 -10.66 11.38 -20.01
CA MET A 153 -11.48 10.84 -18.96
C MET A 153 -12.89 10.64 -19.48
N ASN A 154 -13.34 9.39 -19.47
CA ASN A 154 -14.73 9.07 -19.73
C ASN A 154 -15.41 8.86 -18.36
N TYR A 155 -16.70 8.48 -18.32
CA TYR A 155 -17.40 8.29 -17.04
C TYR A 155 -16.69 7.34 -16.02
N ASN A 156 -16.18 6.19 -16.47
CA ASN A 156 -15.51 5.25 -15.57
C ASN A 156 -14.36 5.90 -14.83
N GLU A 157 -13.56 6.68 -15.55
CA GLU A 157 -12.39 7.34 -14.96
C GLU A 157 -12.80 8.50 -14.05
N PHE A 158 -13.96 9.08 -14.31
CA PHE A 158 -14.47 10.13 -13.42
C PHE A 158 -14.96 9.51 -12.13
N GLN A 159 -15.62 8.36 -12.27
CA GLN A 159 -16.19 7.60 -11.14
C GLN A 159 -15.08 7.06 -10.27
N ASP A 160 -14.12 6.38 -10.89
CA ASP A 160 -12.98 5.85 -10.18
C ASP A 160 -12.19 6.93 -9.47
N CYS A 161 -12.36 8.18 -9.87
CA CYS A 161 -11.56 9.27 -9.30
C CYS A 161 -12.28 9.82 -8.10
N TRP A 162 -13.61 9.82 -8.17
CA TRP A 162 -14.50 10.23 -7.08
C TRP A 162 -14.31 9.30 -5.88
N ASN A 163 -14.17 8.02 -6.17
CA ASN A 163 -14.00 6.97 -5.19
C ASN A 163 -12.67 7.10 -4.47
N LYS A 164 -11.62 7.39 -5.22
CA LYS A 164 -10.27 7.40 -4.69
C LYS A 164 -9.86 8.75 -4.08
N PHE A 165 -10.31 9.88 -4.66
CA PHE A 165 -9.79 11.19 -4.25
C PHE A 165 -10.82 12.22 -3.77
N VAL A 166 -12.11 11.90 -3.83
CA VAL A 166 -13.11 12.87 -3.42
C VAL A 166 -13.73 12.47 -2.09
N ASP A 167 -13.92 13.47 -1.25
CA ASP A 167 -14.56 13.27 0.03
C ASP A 167 -16.00 12.88 -0.26
N GLY A 168 -16.16 11.60 -0.65
CA GLY A 168 -17.43 10.97 -1.01
C GLY A 168 -18.62 11.61 -0.32
N ARG A 169 -18.51 11.83 1.00
CA ARG A 169 -19.52 12.61 1.75
C ARG A 169 -20.81 11.82 1.96
N GLY A 170 -20.76 10.54 1.60
CA GLY A 170 -21.92 9.68 1.64
C GLY A 170 -22.97 10.06 0.62
N LYS A 171 -22.64 10.98 -0.29
CA LYS A 171 -23.47 11.22 -1.46
C LYS A 171 -22.79 10.56 -2.66
N PRO A 172 -23.57 9.99 -3.59
CA PRO A 172 -22.95 9.31 -4.74
C PRO A 172 -22.48 10.29 -5.79
N PHE A 173 -21.60 9.86 -6.69
CA PHE A 173 -21.20 10.68 -7.82
C PHE A 173 -22.41 10.89 -8.69
N LYS A 174 -22.72 12.15 -9.00
CA LYS A 174 -23.75 12.44 -10.00
C LYS A 174 -23.11 12.98 -11.25
N PRO A 175 -23.09 12.20 -12.33
CA PRO A 175 -22.43 12.74 -13.53
C PRO A 175 -23.26 13.86 -14.14
N TRP A 176 -22.58 14.94 -14.56
CA TRP A 176 -23.15 16.12 -15.21
C TRP A 176 -23.66 15.83 -16.60
N ASN A 177 -24.54 16.71 -17.06
CA ASN A 177 -25.15 16.58 -18.38
C ASN A 177 -24.16 16.63 -19.56
N ASN A 178 -24.44 15.82 -20.59
CA ASN A 178 -23.65 15.77 -21.82
C ASN A 178 -22.23 15.29 -21.65
N LEU A 179 -21.98 14.57 -20.56
CA LEU A 179 -20.66 14.06 -20.29
C LEU A 179 -20.17 13.14 -21.41
N PRO A 180 -20.99 12.15 -21.83
CA PRO A 180 -20.41 11.29 -22.85
C PRO A 180 -20.43 11.91 -24.27
N LYS A 181 -21.24 12.97 -24.51
CA LYS A 181 -21.14 13.82 -25.71
C LYS A 181 -19.81 14.58 -25.71
N HIS A 182 -19.52 15.31 -24.61
CA HIS A 182 -18.22 15.98 -24.48
C HIS A 182 -17.05 15.01 -24.62
N TYR A 183 -17.26 13.79 -24.15
CA TYR A 183 -16.19 12.81 -24.25
C TYR A 183 -15.87 12.55 -25.74
N THR A 184 -16.91 12.44 -26.55
CA THR A 184 -16.72 12.12 -27.95
C THR A 184 -15.87 13.17 -28.67
N LEU A 185 -16.17 14.43 -28.33
CA LEU A 185 -15.45 15.56 -28.90
C LEU A 185 -13.97 15.51 -28.56
N LEU A 186 -13.69 15.50 -27.24
CA LEU A 186 -12.33 15.57 -26.73
C LEU A 186 -11.56 14.32 -27.15
N GLN A 187 -12.22 13.16 -27.08
CA GLN A 187 -11.57 11.92 -27.54
C GLN A 187 -11.23 12.05 -29.02
N ALA A 188 -12.15 12.54 -29.84
CA ALA A 188 -11.81 12.70 -31.28
C ALA A 188 -10.67 13.71 -31.52
N THR A 189 -10.76 14.89 -30.89
CA THR A 189 -9.69 15.88 -31.00
C THR A 189 -8.35 15.35 -30.62
N LEU A 190 -8.23 14.78 -29.41
CA LEU A 190 -6.96 14.23 -28.95
C LEU A 190 -6.38 13.20 -29.94
N GLY A 191 -7.24 12.31 -30.43
CA GLY A 191 -6.83 11.32 -31.40
C GLY A 191 -6.27 11.90 -32.69
N GLU A 192 -6.93 12.94 -33.21
CA GLU A 192 -6.48 13.52 -34.46
C GLU A 192 -5.14 14.26 -34.20
N LEU A 193 -5.08 15.03 -33.10
CA LEU A 193 -3.88 15.80 -32.74
C LEU A 193 -2.66 14.89 -32.54
N LEU A 194 -2.87 13.65 -32.10
CA LEU A 194 -1.72 12.76 -31.88
C LEU A 194 -1.21 12.12 -33.17
N ARG A 195 -2.05 11.99 -34.19
CA ARG A 195 -1.59 11.43 -35.44
C ARG A 195 -1.00 12.54 -36.31
N HIS A 196 -1.47 13.77 -36.06
CA HIS A 196 -1.14 14.95 -36.88
C HIS A 196 0.38 15.21 -36.94
N GLN B 9 -2.52 -6.89 1.55
CA GLN B 9 -1.28 -7.28 2.20
C GLN B 9 -0.06 -6.54 1.61
N ILE B 10 1.08 -6.71 2.27
CA ILE B 10 2.33 -5.95 2.03
C ILE B 10 3.47 -6.60 1.26
N ARG B 11 3.32 -7.84 0.83
CA ARG B 11 4.41 -8.51 0.14
C ARG B 11 4.93 -7.76 -1.11
N ASN B 12 4.12 -6.88 -1.73
CA ASN B 12 4.58 -6.06 -2.87
C ASN B 12 5.34 -4.77 -2.50
N MET B 13 5.12 -4.26 -1.29
CA MET B 13 5.80 -3.03 -0.82
C MET B 13 7.30 -3.29 -0.45
N VAL B 14 7.65 -4.54 -0.14
CA VAL B 14 9.01 -4.89 0.27
C VAL B 14 9.66 -5.86 -0.71
N GLU B 15 10.94 -6.12 -0.51
CA GLU B 15 11.64 -7.12 -1.32
C GLU B 15 11.88 -8.35 -0.40
N PRO B 16 10.85 -9.23 -0.32
CA PRO B 16 10.81 -10.26 0.73
C PRO B 16 12.11 -11.06 0.84
N MET B 17 12.50 -11.38 2.08
CA MET B 17 13.77 -12.07 2.33
C MET B 17 13.62 -13.57 2.11
N ASP B 18 14.77 -14.22 1.97
CA ASP B 18 14.85 -15.65 1.67
C ASP B 18 14.41 -16.54 2.86
N PRO B 19 13.63 -17.62 2.60
CA PRO B 19 13.27 -18.59 3.64
C PRO B 19 14.45 -19.14 4.45
N ARG B 20 15.57 -19.43 3.79
CA ARG B 20 16.75 -19.92 4.49
C ARG B 20 17.34 -18.85 5.39
N THR B 21 17.14 -17.58 5.01
CA THR B 21 17.57 -16.44 5.82
C THR B 21 16.65 -16.21 7.03
N PHE B 22 15.35 -16.36 6.84
CA PHE B 22 14.39 -16.17 7.93
C PHE B 22 14.53 -17.21 9.02
N VAL B 23 14.49 -18.49 8.63
CA VAL B 23 14.61 -19.58 9.61
C VAL B 23 15.93 -19.48 10.39
N SER B 24 16.96 -18.96 9.73
CA SER B 24 18.26 -18.79 10.33
C SER B 24 18.30 -17.65 11.37
N ASN B 25 17.91 -16.44 10.97
CA ASN B 25 18.01 -15.26 11.84
C ASN B 25 16.84 -15.01 12.80
N PHE B 26 15.78 -15.80 12.68
CA PHE B 26 14.66 -15.54 13.57
C PHE B 26 14.43 -16.72 14.50
N ASN B 27 15.36 -17.67 14.45
CA ASN B 27 15.42 -18.73 15.45
C ASN B 27 15.55 -18.11 16.84
N ASN B 28 14.69 -18.52 17.76
CA ASN B 28 14.65 -17.86 19.06
C ASN B 28 15.29 -18.66 20.23
N ARG B 29 16.33 -19.46 19.94
CA ARG B 29 17.23 -20.00 20.97
C ARG B 29 17.87 -18.83 21.74
N PRO B 30 17.56 -18.70 23.05
CA PRO B 30 17.91 -17.45 23.76
C PRO B 30 19.40 -17.15 23.72
N ILE B 31 20.20 -18.20 23.94
CA ILE B 31 21.66 -18.08 23.93
C ILE B 31 22.20 -18.55 22.61
N LEU B 32 22.60 -17.58 21.82
CA LEU B 32 23.19 -17.80 20.51
C LEU B 32 24.01 -16.55 20.16
N SER B 33 25.24 -16.71 19.66
CA SER B 33 25.93 -15.53 19.13
C SER B 33 26.80 -15.90 17.92
N GLY B 34 26.25 -16.78 17.08
CA GLY B 34 26.82 -17.14 15.79
C GLY B 34 26.21 -16.42 14.59
N LEU B 35 25.39 -15.40 14.86
CA LEU B 35 24.67 -14.66 13.82
C LEU B 35 25.19 -13.24 13.70
N ASP B 36 25.89 -12.96 12.61
CA ASP B 36 26.52 -11.65 12.42
C ASP B 36 25.55 -10.51 12.08
N THR B 37 24.33 -10.80 11.63
CA THR B 37 23.42 -9.73 11.20
C THR B 37 22.11 -9.69 11.97
N VAL B 38 21.55 -8.48 12.04
CA VAL B 38 20.27 -8.24 12.68
C VAL B 38 19.28 -7.69 11.62
N TRP B 39 18.12 -8.34 11.51
CA TRP B 39 17.10 -8.01 10.51
C TRP B 39 15.89 -7.31 11.09
N LEU B 40 15.57 -6.12 10.60
CA LEU B 40 14.41 -5.39 11.13
C LEU B 40 13.28 -5.38 10.09
N CYS B 41 12.15 -5.99 10.43
CA CYS B 41 11.01 -5.98 9.52
C CYS B 41 10.01 -4.94 9.97
N CYS B 42 9.99 -3.87 9.21
CA CYS B 42 9.29 -2.65 9.52
C CYS B 42 7.86 -2.66 8.94
N GLU B 43 6.98 -1.82 9.49
CA GLU B 43 5.60 -1.71 9.03
C GLU B 43 4.93 -0.44 9.55
N VAL B 44 4.55 0.48 8.65
CA VAL B 44 3.89 1.71 9.09
C VAL B 44 2.37 1.64 8.98
N LYS B 45 1.66 2.18 9.96
CA LYS B 45 0.20 2.25 9.90
C LYS B 45 -0.30 3.53 10.50
N THR B 46 -1.59 3.78 10.28
CA THR B 46 -2.31 4.94 10.78
C THR B 46 -2.88 4.66 12.17
N LYS B 47 -3.55 5.65 12.78
CA LYS B 47 -4.16 5.52 14.11
C LYS B 47 -4.94 4.19 14.28
N ASP B 48 -5.70 3.74 13.29
CA ASP B 48 -6.47 2.50 13.47
C ASP B 48 -5.65 1.32 12.93
N PRO B 49 -5.59 0.24 13.71
CA PRO B 49 -4.81 -0.94 13.34
C PRO B 49 -5.47 -1.69 12.23
N SER B 50 -6.78 -1.84 12.35
CA SER B 50 -7.57 -2.48 11.33
C SER B 50 -7.88 -2.68 9.87
N GLY B 51 -7.45 -1.74 9.05
CA GLY B 51 -7.46 -1.91 7.62
C GLY B 51 -6.16 -2.11 6.87
N PRO B 52 -5.56 -0.92 6.46
CA PRO B 52 -4.48 -1.12 5.50
C PRO B 52 -3.14 -0.81 6.08
N PRO B 53 -2.14 -1.56 5.63
CA PRO B 53 -0.76 -1.27 5.96
C PRO B 53 -0.31 -0.13 5.05
N LEU B 54 0.01 1.02 5.63
CA LEU B 54 0.31 2.23 4.87
C LEU B 54 1.68 2.19 4.17
N ASP B 55 2.70 1.58 4.78
CA ASP B 55 4.01 1.36 4.14
C ASP B 55 4.80 0.25 4.92
N ALA B 56 5.82 -0.34 4.29
CA ALA B 56 6.62 -1.42 4.89
C ALA B 56 8.00 -1.58 4.25
N LYS B 57 9.01 -1.96 5.01
CA LYS B 57 10.32 -2.28 4.41
C LYS B 57 11.17 -3.17 5.35
N ILE B 58 12.13 -3.87 4.76
CA ILE B 58 13.08 -4.72 5.46
C ILE B 58 14.49 -4.13 5.53
N PHE B 59 14.97 -3.86 6.75
CA PHE B 59 16.34 -3.39 6.94
C PHE B 59 17.25 -4.52 7.40
N GLN B 60 18.54 -4.31 7.19
CA GLN B 60 19.57 -5.25 7.55
C GLN B 60 20.74 -4.40 7.98
N GLY B 61 21.52 -4.89 8.92
CA GLY B 61 22.70 -4.20 9.36
C GLY B 61 23.49 -5.28 10.06
N LYS B 62 24.79 -5.09 10.09
CA LYS B 62 25.67 -6.08 10.70
C LYS B 62 25.88 -5.64 12.14
N VAL B 63 26.15 -6.59 13.01
CA VAL B 63 26.16 -6.36 14.46
C VAL B 63 27.40 -5.56 14.94
N TYR B 64 28.52 -5.69 14.23
CA TYR B 64 29.73 -4.91 14.57
C TYR B 64 29.49 -3.40 14.54
N PRO B 65 30.00 -2.68 15.56
CA PRO B 65 29.95 -1.22 15.55
C PRO B 65 30.64 -0.69 14.28
N LYS B 66 30.40 0.56 13.86
CA LYS B 66 29.61 1.56 14.56
C LYS B 66 28.11 1.22 14.49
N ALA B 67 27.38 1.61 15.53
CA ALA B 67 25.94 1.38 15.62
C ALA B 67 25.19 2.29 14.64
N LYS B 68 25.93 3.22 14.04
CA LYS B 68 25.36 4.18 13.09
C LYS B 68 24.87 3.47 11.80
N TYR B 69 25.37 2.25 11.58
CA TYR B 69 24.99 1.42 10.42
C TYR B 69 24.15 0.18 10.79
N HIS B 70 23.43 0.29 11.90
CA HIS B 70 22.52 -0.74 12.39
C HIS B 70 21.10 -0.58 11.84
N PRO B 71 20.41 -1.71 11.62
CA PRO B 71 19.11 -1.67 10.96
C PRO B 71 18.05 -0.80 11.61
N GLU B 72 18.12 -0.53 12.91
CA GLU B 72 17.19 0.41 13.54
C GLU B 72 17.67 1.85 13.36
N MET B 73 18.89 2.02 12.87
CA MET B 73 19.35 3.38 12.59
C MET B 73 19.00 3.75 11.18
N ARG B 74 19.02 2.74 10.31
CA ARG B 74 18.63 2.92 8.93
C ARG B 74 17.15 3.31 8.92
N PHE B 75 16.42 2.75 9.88
CA PHE B 75 15.03 3.09 10.02
C PHE B 75 14.87 4.55 10.40
N LEU B 76 15.57 5.00 11.45
CA LEU B 76 15.36 6.36 11.93
C LEU B 76 15.60 7.45 10.88
N ARG B 77 16.59 7.24 10.01
CA ARG B 77 16.89 8.19 8.91
C ARG B 77 15.83 8.12 7.83
N TRP B 78 15.48 6.90 7.44
CA TRP B 78 14.45 6.62 6.45
C TRP B 78 13.09 7.21 6.84
N PHE B 79 12.69 6.99 8.08
CA PHE B 79 11.42 7.48 8.56
C PHE B 79 11.45 9.01 8.69
N HIS B 80 12.65 9.58 8.79
CA HIS B 80 12.73 11.03 8.86
C HIS B 80 12.34 11.61 7.51
N LYS B 81 12.94 11.05 6.45
CA LYS B 81 12.66 11.42 5.06
C LYS B 81 11.21 11.13 4.64
N TRP B 82 10.68 10.03 5.16
CA TRP B 82 9.33 9.59 4.83
C TRP B 82 8.27 10.45 5.50
N ARG B 83 8.50 10.89 6.74
CA ARG B 83 7.44 11.63 7.44
C ARG B 83 7.19 12.97 6.79
N GLN B 84 8.21 13.48 6.10
CA GLN B 84 8.11 14.72 5.37
C GLN B 84 7.19 14.60 4.13
N LEU B 85 7.27 13.46 3.45
CA LEU B 85 6.49 13.19 2.23
C LEU B 85 5.00 12.91 2.47
N HIS B 86 4.59 12.65 3.71
CA HIS B 86 3.19 12.40 4.02
C HIS B 86 2.68 13.44 5.00
N HIS B 87 1.38 13.64 5.07
CA HIS B 87 0.89 14.66 5.98
C HIS B 87 0.97 14.17 7.42
N ASP B 88 1.27 15.11 8.32
CA ASP B 88 1.42 14.79 9.72
C ASP B 88 0.09 14.36 10.37
N GLN B 89 0.12 13.14 10.89
CA GLN B 89 -0.94 12.54 11.70
C GLN B 89 -0.28 11.48 12.58
N GLU B 90 -1.06 10.84 13.44
CA GLU B 90 -0.52 9.81 14.30
C GLU B 90 -0.18 8.53 13.52
N TYR B 91 1.09 8.10 13.63
CA TYR B 91 1.51 6.82 13.08
C TYR B 91 1.70 5.76 14.17
N LYS B 92 1.42 4.51 13.80
CA LYS B 92 1.70 3.35 14.63
C LYS B 92 2.68 2.43 13.89
N VAL B 93 3.98 2.54 14.22
CA VAL B 93 5.00 1.65 13.65
C VAL B 93 5.06 0.35 14.47
N THR B 94 5.43 -0.77 13.83
CA THR B 94 5.76 -2.00 14.56
C THR B 94 6.93 -2.77 13.90
N TRP B 95 7.94 -3.15 14.70
CA TRP B 95 9.08 -3.91 14.18
C TRP B 95 8.98 -5.43 14.41
N TYR B 96 9.50 -6.20 13.47
CA TYR B 96 9.77 -7.62 13.69
C TYR B 96 11.28 -7.75 13.60
N VAL B 97 11.98 -7.43 14.69
CA VAL B 97 13.44 -7.45 14.68
C VAL B 97 14.00 -8.79 15.19
N SER B 98 15.12 -9.23 14.62
CA SER B 98 15.68 -10.55 14.97
C SER B 98 16.37 -10.54 16.34
N TRP B 99 17.35 -9.65 16.50
CA TRP B 99 17.95 -9.33 17.77
C TRP B 99 17.27 -8.13 18.41
N SER B 100 17.29 -8.06 19.75
CA SER B 100 16.91 -6.87 20.50
C SER B 100 17.83 -5.69 20.07
N PRO B 101 17.43 -4.44 20.37
CA PRO B 101 18.34 -3.30 20.15
C PRO B 101 19.62 -3.34 21.01
N CYS B 102 20.68 -2.72 20.50
CA CYS B 102 21.90 -2.49 21.28
C CYS B 102 21.66 -1.30 22.19
N THR B 103 22.70 -0.84 22.87
CA THR B 103 22.55 0.23 23.86
C THR B 103 22.48 1.61 23.25
N ARG B 104 23.27 1.81 22.19
CA ARG B 104 23.46 3.12 21.60
C ARG B 104 22.25 3.43 20.70
N CYS B 105 21.75 2.38 20.06
CA CYS B 105 20.58 2.44 19.21
C CYS B 105 19.32 2.70 20.03
N ALA B 106 19.24 2.03 21.17
CA ALA B 106 18.10 2.20 22.07
C ALA B 106 18.06 3.63 22.59
N ASN B 107 19.21 4.28 22.73
CA ASN B 107 19.21 5.67 23.14
C ASN B 107 18.73 6.56 22.00
N SER B 108 19.09 6.21 20.75
CA SER B 108 18.58 6.95 19.60
C SER B 108 17.06 6.84 19.44
N VAL B 109 16.54 5.63 19.46
CA VAL B 109 15.10 5.42 19.35
C VAL B 109 14.36 6.11 20.52
N ALA B 110 14.98 6.24 21.67
CA ALA B 110 14.32 6.95 22.76
C ALA B 110 14.29 8.48 22.48
N THR B 111 15.41 9.06 22.04
CA THR B 111 15.42 10.51 21.76
C THR B 111 14.47 10.83 20.62
N PHE B 112 14.35 9.89 19.69
CA PHE B 112 13.42 10.03 18.59
C PHE B 112 11.96 10.03 19.03
N LEU B 113 11.56 9.06 19.84
CA LEU B 113 10.16 8.94 20.25
C LEU B 113 9.76 10.08 21.15
N ALA B 114 10.75 10.69 21.81
CA ALA B 114 10.52 11.79 22.74
C ALA B 114 10.19 13.09 22.03
N LYS B 115 11.03 13.47 21.07
CA LYS B 115 10.79 14.69 20.30
C LYS B 115 9.49 14.61 19.49
N ASP B 116 9.17 13.41 19.00
CA ASP B 116 8.06 13.18 18.08
C ASP B 116 6.91 12.33 18.69
N PRO B 117 5.96 12.98 19.39
CA PRO B 117 4.85 12.32 20.08
C PRO B 117 3.79 11.72 19.15
N LYS B 118 3.86 12.00 17.86
CA LYS B 118 2.87 11.44 16.95
C LYS B 118 3.15 9.98 16.65
N VAL B 119 4.43 9.58 16.72
CA VAL B 119 4.76 8.18 16.46
C VAL B 119 4.74 7.36 17.74
N THR B 120 4.24 6.13 17.66
CA THR B 120 4.34 5.20 18.78
C THR B 120 4.81 3.85 18.23
N LEU B 121 5.97 3.43 18.73
CA LEU B 121 6.65 2.24 18.22
C LEU B 121 6.23 1.02 19.01
N THR B 122 6.29 -0.14 18.35
CA THR B 122 6.04 -1.43 18.98
C THR B 122 7.04 -2.43 18.45
N ILE B 123 7.96 -2.87 19.33
CA ILE B 123 9.02 -3.76 18.89
C ILE B 123 8.77 -5.16 19.36
N PHE B 124 8.74 -6.10 18.43
CA PHE B 124 8.67 -7.51 18.75
C PHE B 124 10.08 -8.09 18.50
N VAL B 125 10.75 -8.57 19.56
CA VAL B 125 12.10 -9.12 19.38
C VAL B 125 12.00 -10.63 19.31
N ALA B 126 12.83 -11.24 18.46
CA ALA B 126 12.85 -12.69 18.37
C ALA B 126 13.70 -13.26 19.52
N ARG B 127 14.87 -12.65 19.70
CA ARG B 127 15.75 -12.97 20.81
C ARG B 127 16.13 -11.69 21.55
N LEU B 128 16.36 -11.83 22.86
CA LEU B 128 16.89 -10.73 23.64
C LEU B 128 18.41 -10.74 23.51
N TYR B 129 18.96 -9.55 23.27
CA TYR B 129 20.36 -9.34 22.89
C TYR B 129 21.21 -8.99 24.09
N TYR B 130 22.18 -9.85 24.39
CA TYR B 130 23.01 -9.73 25.60
C TYR B 130 22.13 -9.43 26.83
N PHE B 131 21.15 -10.30 27.09
CA PHE B 131 20.21 -10.08 28.18
C PHE B 131 20.87 -10.23 29.55
N TRP B 132 22.13 -10.68 29.56
CA TRP B 132 22.89 -10.79 30.79
C TRP B 132 23.75 -9.52 31.07
N LYS B 133 24.33 -8.86 30.08
CA LYS B 133 25.02 -7.60 30.39
C LYS B 133 24.03 -6.55 30.94
N PRO B 134 24.31 -5.93 32.09
CA PRO B 134 23.35 -4.96 32.65
C PRO B 134 23.27 -3.66 31.80
N ASP B 135 24.21 -3.44 30.88
CA ASP B 135 24.09 -2.29 29.98
C ASP B 135 22.85 -2.45 29.07
N TYR B 136 22.68 -3.66 28.55
CA TYR B 136 21.61 -3.99 27.64
C TYR B 136 20.27 -4.16 28.34
N GLN B 137 20.30 -4.41 29.64
CA GLN B 137 19.07 -4.50 30.39
C GLN B 137 18.54 -3.12 30.61
N GLN B 138 19.40 -2.15 30.88
CA GLN B 138 18.86 -0.82 30.99
C GLN B 138 18.52 -0.23 29.60
N ALA B 139 19.04 -0.82 28.51
CA ALA B 139 18.67 -0.44 27.13
C ALA B 139 17.19 -0.76 26.87
N LEU B 140 16.73 -1.94 27.31
CA LEU B 140 15.32 -2.32 27.23
C LEU B 140 14.45 -1.43 28.11
N ARG B 141 14.99 -0.94 29.21
CA ARG B 141 14.18 -0.09 30.08
C ARG B 141 14.07 1.33 29.53
N ILE B 142 15.13 1.78 28.87
CA ILE B 142 15.23 3.09 28.26
C ILE B 142 14.12 3.18 27.21
N LEU B 143 13.96 2.09 26.45
CA LEU B 143 12.94 2.03 25.43
C LEU B 143 11.54 2.08 26.06
N ALA B 144 11.29 1.27 27.08
CA ALA B 144 9.94 1.24 27.59
C ALA B 144 9.65 2.50 28.41
N GLU B 145 10.69 3.26 28.76
CA GLU B 145 10.54 4.58 29.41
C GLU B 145 10.24 5.72 28.44
N ALA B 146 10.49 5.50 27.14
CA ALA B 146 10.22 6.49 26.09
C ALA B 146 8.85 6.30 25.41
N GLY B 147 8.21 5.18 25.72
CA GLY B 147 6.90 4.80 25.22
C GLY B 147 6.92 3.51 24.39
N ALA B 148 8.09 3.06 23.95
CA ALA B 148 8.15 1.89 23.09
C ALA B 148 7.57 0.64 23.77
N THR B 149 6.60 0.00 23.14
CA THR B 149 6.12 -1.28 23.67
C THR B 149 7.01 -2.44 23.24
N MET B 150 7.66 -3.07 24.23
CA MET B 150 8.57 -4.21 23.99
C MET B 150 7.82 -5.54 24.16
N LYS B 151 7.96 -6.43 23.18
CA LYS B 151 7.32 -7.75 23.30
C LYS B 151 8.17 -8.88 22.72
N ILE B 152 7.84 -10.12 23.05
CA ILE B 152 8.59 -11.24 22.47
C ILE B 152 7.77 -11.81 21.33
N MET B 153 8.44 -12.15 20.24
CA MET B 153 7.77 -12.80 19.13
C MET B 153 7.33 -14.21 19.55
N ASN B 154 6.01 -14.43 19.50
CA ASN B 154 5.41 -15.75 19.69
C ASN B 154 5.06 -16.39 18.34
N TYR B 155 4.35 -17.51 18.37
CA TYR B 155 3.96 -18.22 17.14
C TYR B 155 3.22 -17.32 16.12
N ASN B 156 2.26 -16.51 16.58
CA ASN B 156 1.52 -15.64 15.66
C ASN B 156 2.42 -14.66 14.91
N GLU B 157 3.28 -13.96 15.63
CA GLU B 157 4.12 -12.94 15.03
C GLU B 157 5.20 -13.59 14.18
N PHE B 158 5.55 -14.84 14.44
CA PHE B 158 6.48 -15.54 13.56
C PHE B 158 5.80 -15.91 12.26
N GLN B 159 4.53 -16.32 12.38
CA GLN B 159 3.70 -16.67 11.23
C GLN B 159 3.42 -15.43 10.39
N ASP B 160 2.94 -14.39 11.06
CA ASP B 160 2.60 -13.13 10.45
C ASP B 160 3.80 -12.45 9.77
N CYS B 161 5.01 -12.86 10.13
CA CYS B 161 6.23 -12.30 9.57
C CYS B 161 6.62 -13.09 8.33
N TRP B 162 6.36 -14.39 8.34
CA TRP B 162 6.59 -15.26 7.18
C TRP B 162 5.68 -14.90 6.01
N ASN B 163 4.43 -14.60 6.36
CA ASN B 163 3.41 -14.21 5.40
C ASN B 163 3.76 -12.90 4.71
N LYS B 164 4.20 -11.94 5.51
CA LYS B 164 4.42 -10.57 5.05
C LYS B 164 5.81 -10.32 4.46
N PHE B 165 6.86 -10.89 5.03
CA PHE B 165 8.20 -10.46 4.64
C PHE B 165 9.04 -11.56 4.05
N VAL B 166 8.53 -12.78 4.02
CA VAL B 166 9.34 -13.86 3.44
C VAL B 166 8.80 -14.35 2.09
N ASP B 167 9.71 -14.60 1.15
CA ASP B 167 9.38 -15.21 -0.13
C ASP B 167 8.99 -16.66 0.17
N GLY B 168 7.82 -16.82 0.78
CA GLY B 168 7.38 -18.12 1.25
C GLY B 168 6.88 -19.09 0.21
N ARG B 169 6.66 -18.59 -1.02
CA ARG B 169 6.24 -19.43 -2.14
C ARG B 169 4.79 -19.85 -1.95
N GLY B 170 4.10 -19.16 -1.03
CA GLY B 170 2.74 -19.55 -0.68
C GLY B 170 2.71 -20.80 0.16
N LYS B 171 3.87 -21.17 0.71
CA LYS B 171 3.95 -22.25 1.70
C LYS B 171 3.55 -21.72 3.07
N PRO B 172 2.91 -22.56 3.89
CA PRO B 172 2.56 -22.05 5.20
C PRO B 172 3.80 -22.04 6.07
N PHE B 173 3.78 -21.27 7.15
CA PHE B 173 4.87 -21.29 8.13
C PHE B 173 4.98 -22.64 8.86
N LYS B 174 6.19 -23.21 8.87
CA LYS B 174 6.49 -24.43 9.64
C LYS B 174 7.29 -24.08 10.90
N PRO B 175 6.64 -24.14 12.08
CA PRO B 175 7.32 -23.74 13.31
C PRO B 175 8.35 -24.78 13.73
N TRP B 176 9.55 -24.34 14.13
CA TRP B 176 10.60 -25.23 14.63
C TRP B 176 10.22 -25.81 16.00
N ASN B 177 10.83 -26.96 16.31
CA ASN B 177 10.66 -27.57 17.62
C ASN B 177 11.28 -26.63 18.65
N ASN B 178 10.68 -26.59 19.83
CA ASN B 178 11.10 -25.73 20.93
C ASN B 178 10.75 -24.25 20.77
N LEU B 179 9.80 -23.89 19.92
CA LEU B 179 9.46 -22.47 19.80
C LEU B 179 8.80 -21.90 21.10
N PRO B 180 7.75 -22.56 21.64
CA PRO B 180 7.15 -21.98 22.85
C PRO B 180 7.98 -22.31 24.12
N LYS B 181 8.90 -23.26 23.98
CA LYS B 181 9.84 -23.50 25.04
C LYS B 181 10.64 -22.21 25.19
N HIS B 182 11.36 -21.85 24.13
CA HIS B 182 12.14 -20.62 24.15
C HIS B 182 11.29 -19.37 24.41
N TYR B 183 10.03 -19.35 23.93
CA TYR B 183 9.19 -18.17 24.10
C TYR B 183 8.93 -17.89 25.59
N THR B 184 8.59 -18.94 26.34
CA THR B 184 8.24 -18.80 27.75
C THR B 184 9.45 -18.27 28.53
N LEU B 185 10.65 -18.76 28.20
CA LEU B 185 11.86 -18.27 28.82
C LEU B 185 11.99 -16.76 28.56
N LEU B 186 12.03 -16.41 27.26
CA LEU B 186 12.27 -15.04 26.80
C LEU B 186 11.19 -14.05 27.25
N GLN B 187 9.92 -14.44 27.24
CA GLN B 187 8.95 -13.52 27.76
C GLN B 187 9.20 -13.25 29.24
N ALA B 188 9.36 -14.31 30.04
CA ALA B 188 9.58 -14.14 31.49
C ALA B 188 10.83 -13.30 31.78
N THR B 189 11.89 -13.53 30.99
CA THR B 189 13.09 -12.71 31.08
C THR B 189 12.81 -11.22 30.80
N LEU B 190 12.18 -10.91 29.65
CA LEU B 190 11.80 -9.53 29.31
C LEU B 190 10.90 -8.91 30.39
N GLY B 191 9.99 -9.73 30.92
CA GLY B 191 9.17 -9.27 32.02
C GLY B 191 9.98 -8.83 33.24
N GLU B 192 10.96 -9.64 33.66
CA GLU B 192 11.73 -9.32 34.86
C GLU B 192 12.61 -8.10 34.60
N LEU B 193 13.23 -8.01 33.42
CA LEU B 193 14.08 -6.87 33.10
C LEU B 193 13.31 -5.54 33.13
N LEU B 194 12.05 -5.57 32.70
CA LEU B 194 11.23 -4.37 32.68
C LEU B 194 10.21 -4.36 33.82
N ARG B 195 10.63 -4.89 34.97
CA ARG B 195 9.76 -4.96 36.13
C ARG B 195 9.44 -3.56 36.67
N HIS B 196 10.49 -2.76 36.89
CA HIS B 196 10.33 -1.41 37.39
C HIS B 196 10.57 -0.38 36.29
N GLN C 9 -21.83 37.50 -60.09
CA GLN C 9 -21.90 37.67 -58.64
C GLN C 9 -23.27 37.26 -58.07
N ILE C 10 -23.27 36.08 -57.43
CA ILE C 10 -24.48 35.37 -56.96
C ILE C 10 -25.41 36.07 -55.95
N ARG C 11 -25.02 37.24 -55.47
CA ARG C 11 -25.91 37.95 -54.55
C ARG C 11 -27.24 38.33 -55.23
N ASN C 12 -27.27 38.45 -56.57
CA ASN C 12 -28.52 38.70 -57.33
C ASN C 12 -29.28 37.40 -57.72
N MET C 13 -28.55 36.29 -57.84
CA MET C 13 -29.13 35.00 -58.24
C MET C 13 -30.00 34.37 -57.13
N VAL C 14 -29.75 34.75 -55.88
CA VAL C 14 -30.48 34.20 -54.74
C VAL C 14 -31.30 35.28 -54.07
N GLU C 15 -32.11 34.88 -53.10
CA GLU C 15 -32.87 35.82 -52.30
C GLU C 15 -32.21 35.85 -50.90
N PRO C 16 -31.13 36.63 -50.75
CA PRO C 16 -30.24 36.50 -49.59
C PRO C 16 -30.97 36.49 -48.25
N MET C 17 -30.50 35.66 -47.31
CA MET C 17 -31.14 35.49 -46.01
C MET C 17 -30.73 36.60 -45.06
N ASP C 18 -31.49 36.74 -43.98
CA ASP C 18 -31.30 37.81 -43.00
C ASP C 18 -30.02 37.64 -42.15
N PRO C 19 -29.26 38.74 -41.92
CA PRO C 19 -28.10 38.70 -41.00
C PRO C 19 -28.37 38.11 -39.61
N ARG C 20 -29.48 38.47 -38.97
CA ARG C 20 -29.78 37.91 -37.65
C ARG C 20 -30.10 36.42 -37.76
N THR C 21 -30.59 36.00 -38.93
CA THR C 21 -30.85 34.60 -39.23
C THR C 21 -29.56 33.80 -39.47
N PHE C 22 -28.62 34.40 -40.17
CA PHE C 22 -27.35 33.72 -40.46
C PHE C 22 -26.55 33.49 -39.19
N VAL C 23 -26.34 34.55 -38.40
CA VAL C 23 -25.55 34.44 -37.18
C VAL C 23 -26.11 33.39 -36.20
N SER C 24 -27.42 33.20 -36.20
CA SER C 24 -28.05 32.21 -35.35
C SER C 24 -27.90 30.76 -35.87
N ASN C 25 -28.26 30.48 -37.13
CA ASN C 25 -28.25 29.10 -37.64
C ASN C 25 -26.89 28.61 -38.14
N PHE C 26 -25.90 29.48 -38.17
CA PHE C 26 -24.61 29.03 -38.63
C PHE C 26 -23.59 29.15 -37.51
N ASN C 27 -24.06 29.44 -36.31
CA ASN C 27 -23.24 29.32 -35.12
C ASN C 27 -22.72 27.88 -35.00
N ASN C 28 -21.42 27.70 -34.81
CA ASN C 28 -20.89 26.34 -34.87
C ASN C 28 -20.55 25.71 -33.49
N ARG C 29 -21.27 26.10 -32.43
CA ARG C 29 -21.30 25.33 -31.17
C ARG C 29 -21.78 23.89 -31.37
N PRO C 30 -20.88 22.92 -31.13
CA PRO C 30 -21.14 21.54 -31.57
C PRO C 30 -22.42 20.99 -30.96
N ILE C 31 -22.59 21.21 -29.66
CA ILE C 31 -23.81 20.79 -28.96
C ILE C 31 -24.68 22.00 -28.83
N LEU C 32 -25.76 21.97 -29.58
CA LEU C 32 -26.68 23.09 -29.63
C LEU C 32 -28.10 22.58 -29.82
N SER C 33 -29.02 23.19 -29.10
CA SER C 33 -30.43 22.89 -29.24
C SER C 33 -31.20 24.19 -29.25
N GLY C 34 -32.25 24.23 -30.06
CA GLY C 34 -33.19 25.33 -30.11
C GLY C 34 -33.24 25.85 -31.53
N LEU C 35 -32.52 25.17 -32.42
CA LEU C 35 -32.51 25.54 -33.82
C LEU C 35 -33.16 24.38 -34.55
N ASP C 36 -34.44 24.53 -34.82
CA ASP C 36 -35.24 23.51 -35.50
C ASP C 36 -35.12 23.58 -37.04
N THR C 37 -34.33 24.53 -37.56
CA THR C 37 -34.25 24.67 -39.01
C THR C 37 -32.85 24.38 -39.53
N VAL C 38 -32.83 23.84 -40.74
CA VAL C 38 -31.58 23.56 -41.41
C VAL C 38 -31.57 24.35 -42.75
N TRP C 39 -30.53 25.17 -42.94
CA TRP C 39 -30.39 26.06 -44.09
C TRP C 39 -29.33 25.56 -45.04
N LEU C 40 -29.70 25.33 -46.30
CA LEU C 40 -28.74 24.80 -47.27
C LEU C 40 -28.40 25.91 -48.26
N CYS C 41 -27.14 26.30 -48.33
CA CYS C 41 -26.72 27.29 -49.33
C CYS C 41 -26.02 26.62 -50.47
N CYS C 42 -26.75 26.57 -51.56
CA CYS C 42 -26.38 25.80 -52.74
C CYS C 42 -25.56 26.66 -53.72
N GLU C 43 -24.82 26.01 -54.62
CA GLU C 43 -24.03 26.72 -55.63
C GLU C 43 -23.56 25.77 -56.73
N VAL C 44 -24.03 25.99 -57.97
CA VAL C 44 -23.64 25.14 -59.10
C VAL C 44 -22.51 25.75 -59.94
N LYS C 45 -21.57 24.91 -60.38
CA LYS C 45 -20.46 25.29 -61.25
C LYS C 45 -20.14 24.14 -62.21
N THR C 46 -19.31 24.41 -63.21
CA THR C 46 -18.84 23.39 -64.16
C THR C 46 -17.58 22.70 -63.64
N LYS C 47 -17.04 21.75 -64.41
CA LYS C 47 -15.71 21.19 -64.07
C LYS C 47 -14.78 22.38 -64.33
N ASP C 48 -14.60 23.18 -63.30
CA ASP C 48 -13.79 24.40 -63.30
C ASP C 48 -14.12 24.76 -61.85
N PRO C 49 -13.26 25.60 -61.22
CA PRO C 49 -13.46 25.99 -59.81
C PRO C 49 -13.14 27.49 -60.00
N SER C 50 -12.59 27.84 -61.16
CA SER C 50 -12.10 29.19 -61.42
C SER C 50 -13.04 30.11 -62.19
N GLY C 51 -13.98 29.57 -62.96
CA GLY C 51 -14.85 30.44 -63.70
C GLY C 51 -15.96 31.02 -62.84
N PRO C 52 -17.09 31.33 -63.48
CA PRO C 52 -18.23 31.95 -62.81
C PRO C 52 -19.09 30.95 -62.05
N PRO C 53 -19.76 31.45 -61.00
CA PRO C 53 -20.82 30.63 -60.42
C PRO C 53 -22.00 30.59 -61.40
N LEU C 54 -22.31 29.40 -61.88
CA LEU C 54 -23.30 29.14 -62.93
C LEU C 54 -24.76 29.28 -62.46
N ASP C 55 -25.06 28.89 -61.22
CA ASP C 55 -26.39 29.09 -60.59
C ASP C 55 -26.25 28.94 -59.04
N ALA C 56 -27.21 29.47 -58.28
CA ALA C 56 -27.16 29.42 -56.82
C ALA C 56 -28.53 29.58 -56.17
N LYS C 57 -28.77 28.92 -55.05
CA LYS C 57 -30.03 29.15 -54.32
C LYS C 57 -29.93 28.73 -52.85
N ILE C 58 -30.81 29.29 -52.04
CA ILE C 58 -30.94 28.99 -50.62
C ILE C 58 -32.20 28.17 -50.30
N PHE C 59 -32.01 26.94 -49.82
CA PHE C 59 -33.13 26.12 -49.37
C PHE C 59 -33.17 26.16 -47.86
N GLN C 60 -34.35 25.91 -47.32
CA GLN C 60 -34.57 25.87 -45.90
C GLN C 60 -35.74 24.93 -45.66
N GLY C 61 -35.72 24.22 -44.55
CA GLY C 61 -36.81 23.33 -44.20
C GLY C 61 -36.66 23.02 -42.74
N LYS C 62 -37.74 22.61 -42.09
CA LYS C 62 -37.67 22.27 -40.67
C LYS C 62 -37.28 20.80 -40.49
N VAL C 63 -36.67 20.55 -39.33
CA VAL C 63 -36.00 19.28 -39.07
C VAL C 63 -36.88 18.05 -38.77
N TYR C 64 -38.01 18.25 -38.11
CA TYR C 64 -38.93 17.12 -37.85
C TYR C 64 -39.42 16.51 -39.18
N PRO C 65 -39.44 15.15 -39.24
CA PRO C 65 -39.94 14.43 -40.42
C PRO C 65 -41.37 14.86 -40.81
N LYS C 66 -41.81 14.59 -42.04
CA LYS C 66 -41.13 13.74 -43.01
C LYS C 66 -39.84 14.38 -43.54
N ALA C 67 -38.85 13.53 -43.84
CA ALA C 67 -37.57 13.98 -44.37
C ALA C 67 -37.73 14.39 -45.82
N LYS C 68 -38.88 14.09 -46.42
CA LYS C 68 -39.14 14.47 -47.82
C LYS C 68 -39.22 16.01 -47.95
N TYR C 69 -39.37 16.71 -46.83
CA TYR C 69 -39.48 18.17 -46.80
C TYR C 69 -38.22 18.87 -46.25
N HIS C 70 -37.09 18.16 -46.35
CA HIS C 70 -35.78 18.67 -45.93
C HIS C 70 -35.01 19.39 -47.02
N PRO C 71 -34.26 20.43 -46.63
CA PRO C 71 -33.54 21.24 -47.61
C PRO C 71 -32.60 20.47 -48.50
N GLU C 72 -32.14 19.27 -48.14
CA GLU C 72 -31.36 18.44 -49.08
C GLU C 72 -32.27 17.68 -50.03
N MET C 73 -33.57 17.64 -49.72
CA MET C 73 -34.49 16.94 -50.60
C MET C 73 -35.04 17.92 -51.60
N ARG C 74 -35.22 19.14 -51.13
CA ARG C 74 -35.66 20.23 -51.98
C ARG C 74 -34.60 20.48 -53.05
N PHE C 75 -33.34 20.30 -52.67
CA PHE C 75 -32.27 20.40 -53.64
C PHE C 75 -32.38 19.28 -54.66
N LEU C 76 -32.48 18.04 -54.20
CA LEU C 76 -32.43 16.91 -55.14
C LEU C 76 -33.52 16.95 -56.23
N ARG C 77 -34.72 17.43 -55.87
CA ARG C 77 -35.82 17.57 -56.83
C ARG C 77 -35.56 18.73 -57.79
N TRP C 78 -35.14 19.87 -57.22
CA TRP C 78 -34.80 21.07 -57.98
C TRP C 78 -33.70 20.82 -59.01
N PHE C 79 -32.63 20.18 -58.57
CA PHE C 79 -31.51 19.89 -59.43
C PHE C 79 -31.89 18.85 -60.47
N HIS C 80 -32.94 18.07 -60.23
CA HIS C 80 -33.32 17.09 -61.25
C HIS C 80 -33.92 17.79 -62.46
N LYS C 81 -34.92 18.65 -62.22
CA LYS C 81 -35.54 19.43 -63.31
C LYS C 81 -34.55 20.47 -63.92
N TRP C 82 -33.64 21.00 -63.11
CA TRP C 82 -32.65 21.97 -63.59
C TRP C 82 -31.66 21.29 -64.51
N ARG C 83 -31.30 20.04 -64.23
CA ARG C 83 -30.30 19.34 -65.04
C ARG C 83 -30.82 19.10 -66.45
N GLN C 84 -32.14 19.07 -66.56
CA GLN C 84 -32.85 18.93 -67.82
C GLN C 84 -32.74 20.18 -68.72
N LEU C 85 -32.79 21.37 -68.11
CA LEU C 85 -32.74 22.64 -68.85
C LEU C 85 -31.35 23.03 -69.36
N HIS C 86 -30.31 22.35 -68.87
CA HIS C 86 -28.94 22.62 -69.28
C HIS C 86 -28.29 21.41 -69.92
N HIS C 87 -27.17 21.65 -70.56
CA HIS C 87 -26.44 20.65 -71.32
C HIS C 87 -25.72 19.57 -70.51
N ASP C 88 -25.68 18.36 -71.06
CA ASP C 88 -24.97 17.27 -70.43
C ASP C 88 -23.48 17.61 -70.39
N GLN C 89 -23.00 17.81 -69.17
CA GLN C 89 -21.59 18.01 -68.86
C GLN C 89 -21.35 17.72 -67.38
N GLU C 90 -20.09 17.77 -66.96
CA GLU C 90 -19.75 17.56 -65.56
C GLU C 90 -20.05 18.80 -64.70
N TYR C 91 -20.86 18.64 -63.65
CA TYR C 91 -21.11 19.72 -62.69
C TYR C 91 -20.38 19.53 -61.34
N LYS C 92 -20.01 20.65 -60.72
CA LYS C 92 -19.47 20.68 -59.36
C LYS C 92 -20.35 21.52 -58.41
N VAL C 93 -21.21 20.84 -57.64
CA VAL C 93 -22.05 21.49 -56.62
C VAL C 93 -21.27 21.64 -55.32
N THR C 94 -21.55 22.68 -54.53
CA THR C 94 -21.05 22.76 -53.15
C THR C 94 -22.09 23.39 -52.20
N TRP C 95 -22.33 22.71 -51.05
CA TRP C 95 -23.28 23.20 -50.05
C TRP C 95 -22.61 23.94 -48.91
N TYR C 96 -23.29 24.96 -48.39
CA TYR C 96 -22.97 25.55 -47.11
C TYR C 96 -24.20 25.27 -46.23
N VAL C 97 -24.26 24.08 -45.65
CA VAL C 97 -25.42 23.69 -44.85
C VAL C 97 -25.19 23.98 -43.35
N SER C 98 -26.25 24.32 -42.62
CA SER C 98 -26.09 24.67 -41.20
C SER C 98 -25.87 23.43 -40.31
N TRP C 99 -26.81 22.51 -40.34
CA TRP C 99 -26.69 21.19 -39.74
C TRP C 99 -26.20 20.20 -40.77
N SER C 100 -25.50 19.16 -40.31
CA SER C 100 -25.15 18.00 -41.14
C SER C 100 -26.43 17.35 -41.69
N PRO C 101 -26.32 16.51 -42.73
CA PRO C 101 -27.48 15.72 -43.18
C PRO C 101 -28.03 14.75 -42.14
N CYS C 102 -29.33 14.47 -42.25
CA CYS C 102 -29.96 13.44 -41.43
C CYS C 102 -29.63 12.10 -42.03
N THR C 103 -30.26 11.08 -41.50
CA THR C 103 -29.97 9.72 -41.88
C THR C 103 -30.62 9.33 -43.20
N ARG C 104 -31.85 9.79 -43.44
CA ARG C 104 -32.63 9.35 -44.59
C ARG C 104 -32.15 10.10 -45.81
N CYS C 105 -31.81 11.37 -45.58
CA CYS C 105 -31.33 12.28 -46.61
C CYS C 105 -29.96 11.88 -47.12
N ALA C 106 -29.11 11.42 -46.20
CA ALA C 106 -27.78 10.96 -46.58
C ALA C 106 -27.90 9.76 -47.51
N ASN C 107 -28.94 8.94 -47.32
CA ASN C 107 -29.18 7.83 -48.24
C ASN C 107 -29.67 8.31 -49.60
N SER C 108 -30.52 9.35 -49.61
CA SER C 108 -30.97 9.91 -50.88
C SER C 108 -29.82 10.54 -51.67
N VAL C 109 -29.04 11.41 -51.04
CA VAL C 109 -27.90 12.02 -51.71
C VAL C 109 -26.91 10.94 -52.17
N ALA C 110 -26.83 9.82 -51.48
CA ALA C 110 -25.94 8.75 -51.97
C ALA C 110 -26.50 8.07 -53.24
N THR C 111 -27.81 7.74 -53.26
CA THR C 111 -28.39 7.09 -54.45
C THR C 111 -28.34 8.02 -55.66
N PHE C 112 -28.44 9.31 -55.39
CA PHE C 112 -28.33 10.33 -56.40
C PHE C 112 -26.93 10.41 -57.01
N LEU C 113 -25.91 10.47 -56.15
CA LEU C 113 -24.56 10.64 -56.63
C LEU C 113 -24.10 9.38 -57.37
N ALA C 114 -24.74 8.26 -57.06
CA ALA C 114 -24.43 6.98 -57.66
C ALA C 114 -24.97 6.85 -59.08
N LYS C 115 -26.25 7.20 -59.25
CA LYS C 115 -26.88 7.18 -60.58
C LYS C 115 -26.21 8.15 -61.57
N ASP C 116 -25.82 9.31 -61.06
CA ASP C 116 -25.35 10.44 -61.87
C ASP C 116 -23.87 10.79 -61.63
N PRO C 117 -22.95 10.11 -62.34
CA PRO C 117 -21.50 10.29 -62.16
C PRO C 117 -20.96 11.63 -62.62
N LYS C 118 -21.78 12.41 -63.30
CA LYS C 118 -21.35 13.72 -63.78
C LYS C 118 -21.33 14.78 -62.68
N VAL C 119 -22.17 14.61 -61.66
CA VAL C 119 -22.18 15.57 -60.54
C VAL C 119 -21.21 15.11 -59.46
N THR C 120 -20.49 16.05 -58.85
CA THR C 120 -19.71 15.74 -57.66
C THR C 120 -19.96 16.84 -56.61
N LEU C 121 -20.53 16.39 -55.48
CA LEU C 121 -21.00 17.28 -54.43
C LEU C 121 -19.89 17.53 -53.44
N THR C 122 -19.94 18.69 -52.79
CA THR C 122 -19.04 19.04 -51.72
C THR C 122 -19.83 19.74 -50.62
N ILE C 123 -19.95 19.09 -49.45
CA ILE C 123 -20.76 19.63 -48.39
C ILE C 123 -19.88 20.22 -47.30
N PHE C 124 -20.13 21.47 -46.97
CA PHE C 124 -19.49 22.11 -45.81
C PHE C 124 -20.56 22.20 -44.71
N VAL C 125 -20.35 21.54 -43.58
CA VAL C 125 -21.35 21.61 -42.50
C VAL C 125 -20.89 22.61 -41.45
N ALA C 126 -21.82 23.36 -40.89
CA ALA C 126 -21.46 24.30 -39.83
C ALA C 126 -21.33 23.53 -38.52
N ARG C 127 -22.31 22.67 -38.27
CA ARG C 127 -22.28 21.76 -37.15
C ARG C 127 -22.54 20.32 -37.60
N LEU C 128 -21.94 19.36 -36.88
CA LEU C 128 -22.25 17.96 -37.11
C LEU C 128 -23.51 17.63 -36.32
N TYR C 129 -24.42 16.91 -36.98
CA TYR C 129 -25.78 16.67 -36.50
C TYR C 129 -25.91 15.31 -35.83
N TYR C 130 -26.23 15.32 -34.53
CA TYR C 130 -26.23 14.10 -33.73
C TYR C 130 -24.94 13.29 -33.96
N PHE C 131 -23.78 13.92 -33.75
CA PHE C 131 -22.52 13.26 -34.01
C PHE C 131 -22.25 12.12 -33.04
N TRP C 132 -23.10 12.01 -32.01
CA TRP C 132 -23.00 10.95 -31.01
C TRP C 132 -23.89 9.74 -31.34
N LYS C 133 -25.10 9.92 -31.87
CA LYS C 133 -25.88 8.75 -32.28
C LYS C 133 -25.17 8.00 -33.41
N PRO C 134 -24.93 6.69 -33.27
CA PRO C 134 -24.19 5.97 -34.32
C PRO C 134 -24.96 5.86 -35.67
N ASP C 135 -26.27 6.11 -35.70
CA ASP C 135 -26.98 6.09 -36.98
C ASP C 135 -26.46 7.23 -37.88
N TYR C 136 -26.29 8.39 -37.26
CA TYR C 136 -25.84 9.58 -37.93
C TYR C 136 -24.36 9.53 -38.25
N GLN C 137 -23.61 8.70 -37.53
CA GLN C 137 -22.20 8.54 -37.87
C GLN C 137 -22.07 7.72 -39.12
N GLN C 138 -22.88 6.68 -39.27
CA GLN C 138 -22.78 5.98 -40.52
C GLN C 138 -23.43 6.78 -41.68
N ALA C 139 -24.24 7.78 -41.40
CA ALA C 139 -24.79 8.65 -42.47
C ALA C 139 -23.66 9.45 -43.14
N LEU C 140 -22.77 10.01 -42.32
CA LEU C 140 -21.60 10.74 -42.83
C LEU C 140 -20.69 9.80 -43.58
N ARG C 141 -20.65 8.54 -43.18
CA ARG C 141 -19.75 7.62 -43.87
C ARG C 141 -20.34 7.20 -45.23
N ILE C 142 -21.67 7.10 -45.27
CA ILE C 142 -22.42 6.75 -46.47
C ILE C 142 -22.16 7.81 -47.55
N LEU C 143 -22.16 9.07 -47.13
CA LEU C 143 -21.94 10.17 -48.05
C LEU C 143 -20.51 10.12 -48.59
N ALA C 144 -19.53 9.94 -47.71
CA ALA C 144 -18.17 10.03 -48.21
C ALA C 144 -17.85 8.77 -49.01
N GLU C 145 -18.66 7.74 -48.81
CA GLU C 145 -18.57 6.48 -49.56
C GLU C 145 -19.23 6.56 -50.95
N ALA C 146 -20.09 7.58 -51.18
CA ALA C 146 -20.75 7.80 -52.47
C ALA C 146 -20.00 8.78 -53.40
N GLY C 147 -18.99 9.41 -52.82
CA GLY C 147 -18.13 10.36 -53.47
C GLY C 147 -18.21 11.76 -52.84
N ALA C 148 -19.24 12.02 -52.06
CA ALA C 148 -19.42 13.36 -51.49
C ALA C 148 -18.23 13.77 -50.62
N THR C 149 -17.62 14.91 -50.92
CA THR C 149 -16.57 15.44 -50.05
C THR C 149 -17.18 16.21 -48.89
N MET C 150 -16.96 15.66 -47.69
CA MET C 150 -17.48 16.20 -46.43
C MET C 150 -16.43 17.07 -45.71
N LYS C 151 -16.79 18.30 -45.35
CA LYS C 151 -15.87 19.19 -44.61
C LYS C 151 -16.54 20.08 -43.57
N ILE C 152 -15.74 20.66 -42.68
CA ILE C 152 -16.30 21.54 -41.65
C ILE C 152 -16.08 22.97 -42.10
N MET C 153 -17.11 23.82 -41.93
CA MET C 153 -16.97 25.23 -42.26
C MET C 153 -15.98 25.89 -41.31
N ASN C 154 -14.91 26.44 -41.89
CA ASN C 154 -13.94 27.26 -41.16
C ASN C 154 -14.19 28.75 -41.39
N TYR C 155 -13.28 29.61 -40.94
CA TYR C 155 -13.44 31.08 -41.08
C TYR C 155 -13.70 31.53 -42.54
N ASN C 156 -12.94 31.01 -43.50
CA ASN C 156 -13.13 31.38 -44.91
C ASN C 156 -14.52 31.06 -45.44
N GLU C 157 -14.98 29.84 -45.21
CA GLU C 157 -16.28 29.41 -45.73
C GLU C 157 -17.43 30.09 -45.00
N PHE C 158 -17.20 30.55 -43.77
CA PHE C 158 -18.24 31.33 -43.09
C PHE C 158 -18.31 32.71 -43.71
N GLN C 159 -17.14 33.26 -44.02
CA GLN C 159 -17.02 34.57 -44.67
C GLN C 159 -17.58 34.52 -46.08
N ASP C 160 -17.10 33.54 -46.85
CA ASP C 160 -17.53 33.36 -48.22
C ASP C 160 -19.03 33.07 -48.29
N CYS C 161 -19.64 32.68 -47.19
CA CYS C 161 -21.07 32.40 -47.17
C CYS C 161 -21.84 33.69 -46.87
N TRP C 162 -21.26 34.54 -46.04
CA TRP C 162 -21.82 35.86 -45.72
C TRP C 162 -21.85 36.83 -46.90
N ASN C 163 -20.75 36.84 -47.64
CA ASN C 163 -20.58 37.70 -48.81
C ASN C 163 -21.62 37.32 -49.83
N LYS C 164 -21.77 36.01 -50.01
CA LYS C 164 -22.59 35.45 -51.08
C LYS C 164 -24.10 35.28 -50.76
N PHE C 165 -24.46 34.96 -49.53
CA PHE C 165 -25.88 34.75 -49.30
C PHE C 165 -26.59 35.60 -48.27
N VAL C 166 -26.01 36.73 -47.89
CA VAL C 166 -26.66 37.54 -46.86
C VAL C 166 -26.98 38.97 -47.28
N ASP C 167 -27.85 39.63 -46.52
CA ASP C 167 -28.06 41.05 -46.68
C ASP C 167 -26.83 41.66 -46.05
N GLY C 168 -25.69 41.43 -46.67
CA GLY C 168 -24.52 41.99 -46.13
C GLY C 168 -24.44 43.42 -45.97
N ARG C 169 -25.03 44.11 -46.94
CA ARG C 169 -25.11 45.64 -47.00
C ARG C 169 -23.60 46.08 -46.91
N GLY C 170 -22.73 45.50 -47.72
CA GLY C 170 -21.33 45.91 -47.72
C GLY C 170 -20.63 45.63 -46.41
N LYS C 171 -21.40 45.44 -45.35
CA LYS C 171 -20.86 45.04 -44.07
C LYS C 171 -19.92 43.87 -44.28
N PRO C 172 -18.76 43.86 -43.50
CA PRO C 172 -17.90 42.70 -43.74
C PRO C 172 -18.23 41.64 -42.72
N PHE C 173 -17.62 40.48 -42.84
CA PHE C 173 -17.95 39.39 -41.96
C PHE C 173 -17.45 39.63 -40.55
N LYS C 174 -18.32 39.42 -39.58
CA LYS C 174 -17.93 39.53 -38.16
C LYS C 174 -17.89 38.15 -37.46
N PRO C 175 -16.67 37.60 -37.26
CA PRO C 175 -16.53 36.25 -36.68
C PRO C 175 -16.72 36.25 -35.16
N TRP C 176 -17.52 35.33 -34.61
CA TRP C 176 -17.66 35.23 -33.15
C TRP C 176 -16.40 34.64 -32.52
N ASN C 177 -16.15 34.98 -31.25
CA ASN C 177 -15.08 34.35 -30.47
C ASN C 177 -15.51 32.90 -30.28
N ASN C 178 -14.52 32.02 -30.18
CA ASN C 178 -14.72 30.57 -30.09
C ASN C 178 -15.04 29.93 -31.44
N LEU C 179 -14.82 30.62 -32.55
CA LEU C 179 -15.08 29.97 -33.83
C LEU C 179 -14.03 28.85 -34.13
N PRO C 180 -12.71 29.15 -34.01
CA PRO C 180 -11.74 28.08 -34.31
C PRO C 180 -11.57 27.09 -33.15
N LYS C 181 -12.09 27.49 -32.00
CA LYS C 181 -12.19 26.57 -30.89
C LYS C 181 -13.12 25.48 -31.37
N HIS C 182 -14.37 25.86 -31.66
CA HIS C 182 -15.34 24.90 -32.16
C HIS C 182 -14.88 24.20 -33.46
N TYR C 183 -14.15 24.93 -34.31
CA TYR C 183 -13.75 24.32 -35.58
C TYR C 183 -12.82 23.12 -35.37
N THR C 184 -11.84 23.27 -34.47
CA THR C 184 -10.86 22.23 -34.20
C THR C 184 -11.55 20.97 -33.63
N LEU C 185 -12.53 21.18 -32.75
CA LEU C 185 -13.32 20.08 -32.23
C LEU C 185 -14.04 19.34 -33.38
N LEU C 186 -14.85 20.10 -34.15
CA LEU C 186 -15.70 19.52 -35.20
C LEU C 186 -14.91 18.91 -36.35
N GLN C 187 -13.80 19.54 -36.74
CA GLN C 187 -13.00 18.89 -37.75
C GLN C 187 -12.49 17.54 -37.25
N ALA C 188 -11.91 17.53 -36.05
CA ALA C 188 -11.35 16.28 -35.51
C ALA C 188 -12.41 15.20 -35.36
N THR C 189 -13.60 15.58 -34.90
CA THR C 189 -14.71 14.65 -34.85
C THR C 189 -15.04 14.04 -36.23
N LEU C 190 -15.29 14.90 -37.23
CA LEU C 190 -15.57 14.46 -38.60
C LEU C 190 -14.42 13.60 -39.13
N GLY C 191 -13.20 14.01 -38.78
CA GLY C 191 -12.04 13.20 -39.12
C GLY C 191 -12.12 11.80 -38.53
N GLU C 192 -12.42 11.65 -37.21
CA GLU C 192 -12.50 10.32 -36.61
C GLU C 192 -13.67 9.54 -37.16
N LEU C 193 -14.83 10.17 -37.28
CA LEU C 193 -16.02 9.46 -37.77
C LEU C 193 -15.87 8.89 -39.18
N LEU C 194 -15.17 9.62 -40.06
CA LEU C 194 -15.01 9.21 -41.46
C LEU C 194 -13.93 8.18 -41.62
N ARG C 195 -13.14 7.99 -40.56
CA ARG C 195 -11.96 7.13 -40.61
C ARG C 195 -12.32 5.63 -40.61
N HIS C 196 -11.71 4.88 -41.52
CA HIS C 196 -11.95 3.43 -41.67
C HIS C 196 -10.79 2.74 -42.39
N MET D 6 36.52 -29.87 60.58
CA MET D 6 37.72 -29.74 59.75
C MET D 6 37.38 -29.98 58.27
N LYS D 7 37.10 -31.23 57.93
CA LYS D 7 36.73 -31.64 56.58
C LYS D 7 35.21 -31.55 56.38
N PRO D 8 34.71 -31.81 55.14
CA PRO D 8 33.25 -31.87 54.93
C PRO D 8 32.51 -32.73 55.99
N GLN D 9 31.46 -32.18 56.61
CA GLN D 9 30.73 -32.92 57.65
C GLN D 9 29.67 -33.88 57.10
N ILE D 10 29.22 -33.64 55.87
CA ILE D 10 28.13 -34.41 55.28
C ILE D 10 28.63 -35.42 54.24
N ARG D 11 29.86 -35.26 53.75
CA ARG D 11 30.41 -36.13 52.70
C ARG D 11 30.48 -37.61 53.20
N ASN D 12 30.59 -37.81 54.52
CA ASN D 12 30.54 -39.15 55.16
C ASN D 12 29.12 -39.61 55.59
N MET D 13 28.27 -38.62 55.89
CA MET D 13 26.90 -38.82 56.43
C MET D 13 25.91 -39.40 55.40
N VAL D 14 26.23 -39.22 54.13
CA VAL D 14 25.44 -39.74 53.02
C VAL D 14 26.23 -40.75 52.19
N GLU D 15 25.56 -41.29 51.18
CA GLU D 15 26.15 -42.21 50.23
C GLU D 15 26.49 -41.46 48.93
N PRO D 16 27.66 -40.76 48.91
CA PRO D 16 27.98 -39.75 47.88
C PRO D 16 27.83 -40.21 46.44
N MET D 17 27.26 -39.37 45.58
CA MET D 17 27.02 -39.72 44.17
C MET D 17 28.25 -39.43 43.30
N ASP D 18 28.31 -40.02 42.11
CA ASP D 18 29.47 -39.90 41.21
C ASP D 18 29.56 -38.50 40.58
N PRO D 19 30.79 -37.97 40.38
CA PRO D 19 31.07 -36.71 39.69
C PRO D 19 30.45 -36.56 38.28
N ARG D 20 30.61 -37.57 37.44
CA ARG D 20 30.04 -37.53 36.10
C ARG D 20 28.51 -37.65 36.11
N THR D 21 27.95 -38.22 37.18
CA THR D 21 26.50 -38.23 37.34
C THR D 21 25.97 -36.83 37.70
N PHE D 22 26.68 -36.13 38.58
CA PHE D 22 26.29 -34.77 39.01
C PHE D 22 26.41 -33.77 37.86
N VAL D 23 27.57 -33.71 37.23
CA VAL D 23 27.75 -32.81 36.10
C VAL D 23 26.70 -33.14 35.03
N SER D 24 26.32 -34.41 34.92
CA SER D 24 25.32 -34.81 33.94
C SER D 24 23.91 -34.39 34.33
N ASN D 25 23.48 -34.77 35.54
CA ASN D 25 22.10 -34.53 35.96
C ASN D 25 21.79 -33.18 36.60
N PHE D 26 22.81 -32.34 36.83
CA PHE D 26 22.57 -31.02 37.42
C PHE D 26 22.95 -29.85 36.51
N ASN D 27 23.34 -30.17 35.28
CA ASN D 27 23.57 -29.18 34.21
C ASN D 27 22.31 -28.35 33.97
N ASN D 28 22.44 -27.02 33.97
CA ASN D 28 21.25 -26.16 33.99
C ASN D 28 20.91 -25.45 32.65
N ARG D 29 21.30 -26.06 31.52
CA ARG D 29 20.75 -25.72 30.21
C ARG D 29 19.22 -25.96 30.28
N PRO D 30 18.40 -24.89 30.16
CA PRO D 30 16.98 -24.97 30.57
C PRO D 30 16.18 -26.10 29.92
N ILE D 31 16.47 -26.37 28.65
CA ILE D 31 15.86 -27.48 27.90
C ILE D 31 16.79 -28.70 27.88
N LEU D 32 16.33 -29.83 28.40
CA LEU D 32 17.13 -31.04 28.35
C LEU D 32 16.31 -32.26 27.97
N SER D 33 16.94 -33.05 27.10
CA SER D 33 16.37 -34.29 26.62
C SER D 33 17.40 -35.36 26.91
N GLY D 34 16.95 -36.59 27.05
CA GLY D 34 17.89 -37.69 27.24
C GLY D 34 18.21 -37.86 28.72
N LEU D 35 17.47 -37.15 29.57
CA LEU D 35 17.71 -37.24 31.00
C LEU D 35 16.50 -37.91 31.67
N ASP D 36 16.68 -39.19 31.91
CA ASP D 36 15.67 -40.09 32.42
C ASP D 36 15.37 -40.05 33.92
N THR D 37 16.29 -39.48 34.70
CA THR D 37 16.19 -39.52 36.14
C THR D 37 16.27 -38.16 36.87
N VAL D 38 15.65 -38.12 38.05
CA VAL D 38 15.63 -36.94 38.92
C VAL D 38 16.38 -37.20 40.23
N TRP D 39 17.34 -36.34 40.59
CA TRP D 39 18.11 -36.53 41.83
C TRP D 39 17.79 -35.51 42.92
N LEU D 40 17.38 -35.96 44.10
CA LEU D 40 17.09 -35.02 45.18
C LEU D 40 18.11 -35.13 46.32
N CYS D 41 18.83 -34.04 46.59
CA CYS D 41 19.80 -34.00 47.68
C CYS D 41 19.27 -33.31 48.91
N CYS D 42 18.92 -34.09 49.91
CA CYS D 42 18.24 -33.53 51.07
C CYS D 42 19.17 -33.16 52.22
N GLU D 43 18.68 -32.32 53.13
CA GLU D 43 19.40 -31.85 54.30
C GLU D 43 18.49 -31.26 55.38
N VAL D 44 18.42 -31.94 56.52
CA VAL D 44 17.59 -31.48 57.63
C VAL D 44 18.46 -30.71 58.63
N LYS D 45 17.91 -29.63 59.19
CA LYS D 45 18.61 -28.82 60.17
C LYS D 45 17.72 -28.35 61.28
N THR D 46 18.38 -27.75 62.26
CA THR D 46 17.73 -27.27 63.47
C THR D 46 17.07 -25.91 63.20
N LYS D 47 16.40 -25.36 64.20
CA LYS D 47 15.72 -24.06 64.13
C LYS D 47 16.54 -22.94 63.45
N ASP D 48 17.81 -22.78 63.84
CA ASP D 48 18.67 -21.75 63.24
C ASP D 48 19.79 -22.34 62.35
N PRO D 49 20.07 -21.71 61.18
CA PRO D 49 21.02 -22.31 60.22
C PRO D 49 22.46 -22.31 60.74
N SER D 50 22.63 -21.74 61.93
CA SER D 50 23.90 -21.68 62.63
C SER D 50 24.42 -23.09 62.93
N GLY D 51 23.48 -24.00 63.16
CA GLY D 51 23.84 -25.34 63.56
C GLY D 51 24.31 -26.21 62.40
N PRO D 52 24.87 -27.37 62.73
CA PRO D 52 25.34 -28.37 61.79
C PRO D 52 24.12 -29.12 61.23
N PRO D 53 24.30 -29.76 60.09
CA PRO D 53 23.23 -30.61 59.52
C PRO D 53 22.91 -31.85 60.36
N LEU D 54 21.65 -32.02 60.84
CA LEU D 54 21.29 -33.15 61.72
C LEU D 54 21.30 -34.51 61.01
N ASP D 55 20.87 -34.52 59.75
CA ASP D 55 20.94 -35.71 58.92
C ASP D 55 20.85 -35.27 57.44
N ALA D 56 21.19 -36.15 56.52
CA ALA D 56 21.18 -35.79 55.12
C ALA D 56 21.05 -37.00 54.22
N LYS D 57 20.36 -36.90 53.09
CA LYS D 57 20.35 -38.05 52.20
C LYS D 57 20.05 -37.72 50.75
N ILE D 58 20.49 -38.65 49.89
CA ILE D 58 20.29 -38.59 48.47
C ILE D 58 19.26 -39.58 47.94
N PHE D 59 18.17 -39.05 47.42
CA PHE D 59 17.12 -39.84 46.78
C PHE D 59 17.19 -39.84 45.24
N GLN D 60 16.54 -40.84 44.66
CA GLN D 60 16.49 -41.01 43.23
C GLN D 60 15.15 -41.64 42.82
N GLY D 61 14.68 -41.29 41.63
CA GLY D 61 13.48 -41.87 41.06
C GLY D 61 13.48 -41.58 39.57
N LYS D 62 12.84 -42.43 38.78
CA LYS D 62 12.84 -42.17 37.35
C LYS D 62 11.60 -41.31 37.10
N VAL D 63 11.65 -40.48 36.06
CA VAL D 63 10.69 -39.39 35.90
C VAL D 63 9.28 -39.82 35.45
N TYR D 64 9.19 -40.87 34.62
CA TYR D 64 7.91 -41.46 34.22
C TYR D 64 7.12 -42.00 35.44
N PRO D 65 5.78 -41.82 35.43
CA PRO D 65 4.90 -42.35 36.50
C PRO D 65 5.08 -43.88 36.72
N LYS D 66 4.68 -44.43 37.87
CA LYS D 66 3.92 -43.75 38.92
C LYS D 66 4.78 -42.70 39.65
N ALA D 67 4.11 -41.64 40.10
CA ALA D 67 4.75 -40.53 40.79
C ALA D 67 5.16 -40.91 42.20
N LYS D 68 4.66 -42.05 42.67
CA LYS D 68 5.00 -42.55 44.00
C LYS D 68 6.47 -43.00 44.10
N TYR D 69 7.12 -43.22 42.96
CA TYR D 69 8.53 -43.60 42.94
C TYR D 69 9.43 -42.43 42.48
N HIS D 70 8.93 -41.22 42.70
CA HIS D 70 9.70 -40.00 42.47
C HIS D 70 10.47 -39.61 43.73
N PRO D 71 11.70 -39.09 43.55
CA PRO D 71 12.60 -38.79 44.66
C PRO D 71 12.07 -37.79 45.70
N GLU D 72 11.10 -36.95 45.38
CA GLU D 72 10.55 -36.12 46.44
C GLU D 72 9.50 -36.86 47.29
N MET D 73 9.08 -38.02 46.80
CA MET D 73 8.11 -38.83 47.53
C MET D 73 8.71 -39.96 48.35
N ARG D 74 9.85 -40.49 47.89
CA ARG D 74 10.58 -41.47 48.68
C ARG D 74 11.00 -40.74 49.94
N PHE D 75 11.26 -39.45 49.77
CA PHE D 75 11.60 -38.58 50.88
C PHE D 75 10.45 -38.51 51.86
N LEU D 76 9.25 -38.20 51.40
CA LEU D 76 8.14 -37.99 52.32
C LEU D 76 7.86 -39.20 53.21
N ARG D 77 8.11 -40.39 52.68
CA ARG D 77 7.96 -41.64 53.41
C ARG D 77 9.10 -41.80 54.43
N TRP D 78 10.34 -41.57 53.95
CA TRP D 78 11.55 -41.59 54.79
C TRP D 78 11.52 -40.55 55.91
N PHE D 79 11.16 -39.33 55.59
CA PHE D 79 11.15 -38.29 56.60
C PHE D 79 10.04 -38.56 57.61
N HIS D 80 8.99 -39.30 57.23
CA HIS D 80 7.97 -39.65 58.22
C HIS D 80 8.58 -40.64 59.22
N LYS D 81 9.29 -41.65 58.69
CA LYS D 81 10.04 -42.64 59.48
C LYS D 81 11.20 -42.06 60.34
N TRP D 82 11.77 -40.92 59.93
CA TRP D 82 12.85 -40.27 60.67
C TRP D 82 12.40 -39.36 61.86
N ARG D 83 11.20 -38.77 61.76
CA ARG D 83 10.70 -37.71 62.67
C ARG D 83 10.31 -38.02 64.11
N GLN D 84 9.76 -39.22 64.29
CA GLN D 84 9.35 -39.80 65.56
C GLN D 84 10.61 -40.18 66.38
N LEU D 85 11.68 -40.52 65.66
CA LEU D 85 12.94 -40.94 66.25
C LEU D 85 13.65 -39.79 66.96
N HIS D 86 13.19 -38.55 66.74
CA HIS D 86 13.78 -37.38 67.40
C HIS D 86 12.69 -36.64 68.17
N HIS D 87 13.07 -35.74 69.07
CA HIS D 87 12.06 -34.96 69.79
C HIS D 87 11.45 -33.96 68.80
N ASP D 88 10.15 -33.69 68.88
CA ASP D 88 9.62 -32.74 67.90
C ASP D 88 10.11 -31.32 68.23
N GLN D 89 10.76 -30.71 67.25
CA GLN D 89 11.22 -29.33 67.29
C GLN D 89 11.11 -28.82 65.85
N GLU D 90 11.40 -27.55 65.61
CA GLU D 90 11.30 -26.97 64.27
C GLU D 90 12.43 -27.44 63.36
N TYR D 91 12.06 -28.02 62.23
CA TYR D 91 13.04 -28.45 61.22
C TYR D 91 13.07 -27.46 60.03
N LYS D 92 14.25 -27.24 59.47
CA LYS D 92 14.42 -26.51 58.24
C LYS D 92 15.05 -27.41 57.19
N VAL D 93 14.20 -27.97 56.33
CA VAL D 93 14.68 -28.84 55.27
C VAL D 93 15.10 -28.02 54.04
N THR D 94 16.09 -28.49 53.28
CA THR D 94 16.40 -27.87 52.00
C THR D 94 16.79 -28.92 50.93
N TRP D 95 16.13 -28.86 49.77
CA TRP D 95 16.43 -29.77 48.67
C TRP D 95 17.30 -29.10 47.68
N TYR D 96 18.20 -29.88 47.07
CA TYR D 96 18.87 -29.51 45.85
C TYR D 96 18.45 -30.51 44.79
N VAL D 97 17.26 -30.34 44.22
CA VAL D 97 16.77 -31.29 43.23
C VAL D 97 17.05 -30.85 41.79
N SER D 98 17.33 -31.80 40.91
CA SER D 98 17.75 -31.46 39.56
C SER D 98 16.58 -30.99 38.66
N TRP D 99 15.51 -31.79 38.57
CA TRP D 99 14.26 -31.34 37.92
C TRP D 99 13.29 -30.76 38.93
N SER D 100 12.45 -29.80 38.52
CA SER D 100 11.38 -29.31 39.41
C SER D 100 10.41 -30.45 39.71
N PRO D 101 9.56 -30.28 40.73
CA PRO D 101 8.49 -31.26 41.01
C PRO D 101 7.48 -31.44 39.88
N CYS D 102 6.90 -32.64 39.78
CA CYS D 102 5.77 -32.83 38.87
C CYS D 102 4.54 -32.32 39.61
N THR D 103 3.37 -32.51 39.01
CA THR D 103 2.13 -31.94 39.54
C THR D 103 1.55 -32.67 40.77
N ARG D 104 1.68 -33.99 40.84
CA ARG D 104 1.13 -34.77 41.97
C ARG D 104 2.00 -34.67 43.22
N CYS D 105 3.31 -34.57 43.00
CA CYS D 105 4.29 -34.44 44.07
C CYS D 105 4.13 -33.13 44.80
N ALA D 106 3.86 -32.09 44.02
CA ALA D 106 3.65 -30.76 44.54
C ALA D 106 2.40 -30.73 45.42
N ASN D 107 1.42 -31.58 45.13
CA ASN D 107 0.23 -31.69 45.98
C ASN D 107 0.55 -32.37 47.30
N SER D 108 1.41 -33.39 47.23
CA SER D 108 1.81 -34.17 48.39
C SER D 108 2.52 -33.27 49.38
N VAL D 109 3.55 -32.60 48.86
CA VAL D 109 4.38 -31.71 49.65
C VAL D 109 3.58 -30.53 50.19
N ALA D 110 2.56 -30.09 49.45
CA ALA D 110 1.76 -28.95 49.89
C ALA D 110 0.89 -29.29 51.09
N THR D 111 0.21 -30.43 50.98
CA THR D 111 -0.63 -30.91 52.06
C THR D 111 0.26 -31.32 53.25
N PHE D 112 1.47 -31.76 52.94
CA PHE D 112 2.42 -32.15 53.98
C PHE D 112 2.89 -30.94 54.82
N LEU D 113 3.25 -29.81 54.21
CA LEU D 113 3.64 -28.65 55.02
C LEU D 113 2.46 -28.11 55.76
N ALA D 114 1.27 -28.43 55.25
CA ALA D 114 -0.01 -28.01 55.83
C ALA D 114 -0.31 -28.74 57.14
N LYS D 115 -0.11 -30.07 57.17
CA LYS D 115 -0.29 -30.85 58.41
C LYS D 115 0.70 -30.41 59.51
N ASP D 116 1.94 -30.13 59.11
CA ASP D 116 3.01 -29.85 60.06
C ASP D 116 3.60 -28.43 59.93
N PRO D 117 3.07 -27.47 60.69
CA PRO D 117 3.55 -26.08 60.65
C PRO D 117 4.95 -25.89 61.25
N LYS D 118 5.50 -26.95 61.86
CA LYS D 118 6.83 -26.88 62.47
C LYS D 118 7.94 -26.95 61.40
N VAL D 119 7.65 -27.64 60.28
CA VAL D 119 8.62 -27.75 59.19
C VAL D 119 8.49 -26.63 58.16
N THR D 120 9.61 -26.12 57.68
CA THR D 120 9.60 -25.20 56.55
C THR D 120 10.66 -25.59 55.52
N LEU D 121 10.19 -25.91 54.31
CA LEU D 121 11.01 -26.46 53.24
C LEU D 121 11.60 -25.34 52.38
N THR D 122 12.73 -25.60 51.74
CA THR D 122 13.33 -24.70 50.75
C THR D 122 13.81 -25.52 49.57
N ILE D 123 13.21 -25.33 48.40
CA ILE D 123 13.57 -26.16 47.26
C ILE D 123 14.44 -25.39 46.27
N PHE D 124 15.62 -25.94 45.96
CA PHE D 124 16.47 -25.36 44.95
C PHE D 124 16.44 -26.22 43.72
N VAL D 125 15.98 -25.64 42.62
CA VAL D 125 15.87 -26.37 41.39
C VAL D 125 17.02 -26.00 40.47
N ALA D 126 17.57 -26.98 39.77
CA ALA D 126 18.64 -26.76 38.81
C ALA D 126 18.06 -26.34 37.47
N ARG D 127 17.03 -27.09 37.06
CA ARG D 127 16.20 -26.78 35.91
C ARG D 127 14.71 -26.83 36.26
N LEU D 128 13.89 -26.04 35.55
CA LEU D 128 12.43 -26.12 35.68
C LEU D 128 11.91 -27.19 34.71
N TYR D 129 10.99 -28.01 35.21
CA TYR D 129 10.52 -29.19 34.48
C TYR D 129 9.22 -28.90 33.77
N TYR D 130 9.24 -29.05 32.45
CA TYR D 130 8.10 -28.67 31.59
C TYR D 130 7.59 -27.30 32.00
N PHE D 131 8.47 -26.30 31.99
CA PHE D 131 8.12 -24.96 32.48
C PHE D 131 7.13 -24.25 31.57
N TRP D 132 6.91 -24.82 30.39
CA TRP D 132 5.97 -24.29 29.40
C TRP D 132 4.56 -24.88 29.47
N LYS D 133 4.41 -26.16 29.80
CA LYS D 133 3.07 -26.76 29.95
C LYS D 133 2.39 -26.15 31.19
N PRO D 134 1.15 -25.70 31.03
CA PRO D 134 0.53 -24.83 32.04
C PRO D 134 0.21 -25.45 33.41
N ASP D 135 0.04 -26.76 33.51
CA ASP D 135 -0.17 -27.36 34.83
C ASP D 135 1.12 -27.48 35.64
N TYR D 136 2.22 -27.79 34.96
CA TYR D 136 3.51 -27.88 35.63
C TYR D 136 3.91 -26.51 36.14
N GLN D 137 3.27 -25.48 35.64
CA GLN D 137 3.40 -24.13 36.16
C GLN D 137 2.59 -23.86 37.44
N GLN D 138 1.33 -24.31 37.55
CA GLN D 138 0.61 -24.14 38.82
C GLN D 138 1.15 -25.18 39.82
N ALA D 139 1.91 -26.16 39.31
CA ALA D 139 2.58 -27.10 40.19
C ALA D 139 3.56 -26.34 41.07
N LEU D 140 4.36 -25.48 40.45
CA LEU D 140 5.32 -24.64 41.18
C LEU D 140 4.58 -23.65 42.09
N ARG D 141 3.41 -23.22 41.64
CA ARG D 141 2.63 -22.22 42.35
C ARG D 141 1.90 -22.83 43.54
N ILE D 142 1.61 -24.13 43.45
CA ILE D 142 1.01 -24.89 44.56
C ILE D 142 1.93 -24.85 45.77
N LEU D 143 3.21 -25.15 45.50
CA LEU D 143 4.26 -25.26 46.49
C LEU D 143 4.52 -23.94 47.18
N ALA D 144 4.56 -22.87 46.42
CA ALA D 144 4.92 -21.58 47.00
C ALA D 144 3.78 -21.05 47.86
N GLU D 145 2.60 -21.69 47.74
CA GLU D 145 1.47 -21.33 48.59
C GLU D 145 1.56 -22.04 49.95
N ALA D 146 1.96 -23.31 49.92
CA ALA D 146 2.18 -24.14 51.11
C ALA D 146 3.36 -23.70 52.00
N GLY D 147 4.16 -22.77 51.49
CA GLY D 147 5.26 -22.20 52.28
C GLY D 147 6.61 -22.50 51.70
N ALA D 148 6.67 -23.46 50.78
CA ALA D 148 7.95 -23.89 50.24
C ALA D 148 8.64 -22.73 49.52
N THR D 149 9.82 -22.37 49.98
CA THR D 149 10.59 -21.34 49.29
C THR D 149 11.26 -21.93 48.06
N MET D 150 10.82 -21.45 46.90
CA MET D 150 11.30 -21.91 45.59
C MET D 150 12.41 -21.00 45.10
N LYS D 151 13.53 -21.60 44.68
CA LYS D 151 14.64 -20.81 44.16
C LYS D 151 15.39 -21.58 43.07
N ILE D 152 16.20 -20.88 42.30
CA ILE D 152 16.96 -21.57 41.26
C ILE D 152 18.37 -21.81 41.77
N MET D 153 18.92 -22.99 41.49
CA MET D 153 20.32 -23.20 41.84
C MET D 153 21.18 -22.29 40.97
N ASN D 154 21.91 -21.42 41.66
CA ASN D 154 22.96 -20.61 41.06
C ASN D 154 24.32 -21.29 41.36
N TYR D 155 25.44 -20.69 40.96
CA TYR D 155 26.75 -21.31 41.21
C TYR D 155 27.03 -21.71 42.70
N ASN D 156 26.73 -20.85 43.66
CA ASN D 156 26.98 -21.15 45.06
C ASN D 156 26.28 -22.44 45.48
N GLU D 157 25.05 -22.60 45.06
CA GLU D 157 24.26 -23.76 45.45
C GLU D 157 24.73 -25.02 44.72
N PHE D 158 25.31 -24.84 43.55
CA PHE D 158 25.90 -25.96 42.82
C PHE D 158 27.17 -26.40 43.51
N GLN D 159 27.94 -25.41 43.96
CA GLN D 159 29.22 -25.62 44.65
C GLN D 159 29.01 -26.29 46.00
N ASP D 160 28.15 -25.68 46.80
CA ASP D 160 27.82 -26.21 48.11
C ASP D 160 27.21 -27.61 48.03
N CYS D 161 26.76 -28.00 46.85
CA CYS D 161 26.10 -29.29 46.67
C CYS D 161 27.13 -30.34 46.33
N TRP D 162 28.16 -29.90 45.59
CA TRP D 162 29.33 -30.71 45.24
C TRP D 162 30.11 -31.13 46.48
N ASN D 163 30.23 -30.19 47.41
CA ASN D 163 30.92 -30.37 48.66
C ASN D 163 30.23 -31.39 49.54
N LYS D 164 28.91 -31.26 49.62
CA LYS D 164 28.14 -32.04 50.56
C LYS D 164 27.75 -33.42 50.00
N PHE D 165 27.45 -33.52 48.70
CA PHE D 165 26.89 -34.77 48.17
C PHE D 165 27.66 -35.45 47.05
N VAL D 166 28.72 -34.83 46.53
CA VAL D 166 29.45 -35.44 45.43
C VAL D 166 30.80 -35.99 45.88
N ASP D 167 31.08 -37.19 45.43
CA ASP D 167 32.34 -37.84 45.73
C ASP D 167 33.42 -37.04 45.01
N GLY D 168 33.71 -35.86 45.58
CA GLY D 168 34.67 -34.89 45.09
C GLY D 168 35.83 -35.45 44.30
N ARG D 169 36.37 -36.60 44.75
CA ARG D 169 37.39 -37.34 43.99
C ARG D 169 38.73 -36.61 44.05
N GLY D 170 38.78 -35.57 44.88
CA GLY D 170 39.95 -34.71 44.96
C GLY D 170 40.20 -33.83 43.74
N LYS D 171 39.24 -33.78 42.82
CA LYS D 171 39.27 -32.79 41.75
C LYS D 171 38.25 -31.71 42.11
N PRO D 172 38.52 -30.43 41.79
CA PRO D 172 37.59 -29.37 42.21
C PRO D 172 36.36 -29.31 41.32
N PHE D 173 35.29 -28.65 41.78
CA PHE D 173 34.12 -28.41 40.93
C PHE D 173 34.54 -27.51 39.79
N LYS D 174 34.25 -27.95 38.57
CA LYS D 174 34.43 -27.11 37.36
C LYS D 174 33.08 -26.70 36.81
N PRO D 175 32.73 -25.41 36.93
CA PRO D 175 31.40 -25.02 36.46
C PRO D 175 31.37 -25.09 34.94
N TRP D 176 30.26 -25.62 34.41
CA TRP D 176 29.99 -25.71 32.96
C TRP D 176 29.72 -24.36 32.32
N ASN D 177 29.87 -24.31 31.00
CA ASN D 177 29.68 -23.08 30.23
C ASN D 177 28.25 -22.49 30.32
N ASN D 178 28.19 -21.15 30.40
CA ASN D 178 26.93 -20.40 30.45
C ASN D 178 26.07 -20.63 31.68
N LEU D 179 26.68 -21.10 32.76
CA LEU D 179 25.94 -21.37 33.97
C LEU D 179 25.19 -20.12 34.46
N PRO D 180 25.90 -18.97 34.59
CA PRO D 180 25.14 -17.86 35.15
C PRO D 180 24.20 -17.17 34.12
N LYS D 181 24.40 -17.40 32.80
CA LYS D 181 23.41 -17.04 31.76
C LYS D 181 22.15 -17.90 31.93
N HIS D 182 22.30 -19.23 31.98
CA HIS D 182 21.17 -20.11 32.25
C HIS D 182 20.45 -19.75 33.56
N TYR D 183 21.21 -19.28 34.55
CA TYR D 183 20.58 -18.93 35.81
C TYR D 183 19.59 -17.77 35.56
N THR D 184 20.02 -16.77 34.79
CA THR D 184 19.18 -15.61 34.56
C THR D 184 17.84 -15.96 33.93
N LEU D 185 17.90 -16.87 32.95
CA LEU D 185 16.72 -17.33 32.26
C LEU D 185 15.75 -18.02 33.22
N LEU D 186 16.22 -19.09 33.86
CA LEU D 186 15.37 -19.94 34.70
C LEU D 186 14.85 -19.14 35.91
N GLN D 187 15.72 -18.32 36.47
CA GLN D 187 15.37 -17.49 37.61
C GLN D 187 14.26 -16.56 37.14
N ALA D 188 14.41 -15.92 35.97
CA ALA D 188 13.34 -15.02 35.49
C ALA D 188 12.02 -15.77 35.24
N THR D 189 12.09 -16.93 34.56
CA THR D 189 10.90 -17.76 34.36
C THR D 189 10.19 -18.11 35.64
N LEU D 190 10.93 -18.70 36.59
CA LEU D 190 10.34 -19.07 37.86
C LEU D 190 9.69 -17.89 38.55
N GLY D 191 10.36 -16.75 38.52
CA GLY D 191 9.83 -15.54 39.11
C GLY D 191 8.49 -15.15 38.54
N GLU D 192 8.36 -15.20 37.21
CA GLU D 192 7.09 -14.86 36.57
C GLU D 192 6.00 -15.90 36.83
N LEU D 193 6.34 -17.18 36.68
CA LEU D 193 5.38 -18.26 36.87
C LEU D 193 4.77 -18.19 38.26
N LEU D 194 5.54 -17.70 39.24
CA LEU D 194 5.01 -17.66 40.59
C LEU D 194 4.11 -16.46 40.81
N ARG D 195 4.32 -15.37 40.09
CA ARG D 195 3.47 -14.22 40.39
C ARG D 195 2.22 -14.19 39.51
N HIS D 196 2.02 -15.24 38.71
CA HIS D 196 0.97 -15.24 37.69
C HIS D 196 -0.29 -15.97 38.21
#